data_7XCZ
#
_entry.id   7XCZ
#
_cell.length_a   1.00
_cell.length_b   1.00
_cell.length_c   1.00
_cell.angle_alpha   90.00
_cell.angle_beta   90.00
_cell.angle_gamma   90.00
#
_symmetry.space_group_name_H-M   'P 1'
#
loop_
_entity.id
_entity.type
_entity.pdbx_description
1 polymer 'Spike glycoprotein'
2 polymer 'BA7054 fab'
3 polymer 'BA7054 fab'
4 polymer 'BA7125 fab'
5 polymer 'BA7125 fab'
#
loop_
_entity_poly.entity_id
_entity_poly.type
_entity_poly.pdbx_seq_one_letter_code
_entity_poly.pdbx_strand_id
1 'polypeptide(L)'
;TNLCPFGEVFNATRFASVYAWNRKRISNCVADYSVLYNSASFSTFKCYGVSPTKLNDLCFTNVYADSFVIRGDEVRQIAP
GQTGKIADYNYKLPDDFTGCVIAWNSNNLDSKVGGNYNYRYRLFRKSNLKPFERDISTEIYQAGSKPCNGVEGFNCYFPL
QSYGFQPTNGVGYQPYRVVVLSFELLHAPATVCGPK
;
A
2 'polypeptide(L)'
;EVQLVESGGGVVQPGRSLRLSCAASGFTFSSYAMHWVRQAPGKGLEWVAVISFDGSNKYYADSVKGRFTISRDNSKNTLY
LQMNSLRAEDTAVYYCARASITTTDDGMDVWGQGTTVTVSSASTKGPSVFPLAPSSKSTSGGTAALGCLVKDYFPEPVTV
SWNSGALTSGVHTFPAVLQSSGLYSLSSVVTVPSSSLGTQTYICNVNHKPSNTKVDKKVEPKSC
;
D
3 'polypeptide(L)'
;DIQMTQSPSSVSASVGDRVTITCRASQGISSWLAWYQQKPGKAPKLLIYAASSLQSGVPSRFSGSGSGTDFTLTISSLQP
EDFATYYCQQANSFPFSFGPGTKVDIKRTVAAPSVFIFPPSDEQLKSGTASVVCLLNNFYPREAKVQWKVDNALQSGNSQ
ESVTEQDSKDSTYSLSSTLTLSKADYEKHKVYACEVTHQGLSSPVTKSFNRGEC
;
E
4 'polypeptide(L)'
;EVQLQQWGAGLLKPSETLSLTCAVYGESFSGYYWSWIRQSPGKGLEWIGQINHSGNTNYNPSLKSRVTMSVDTSKNQFSL
KLSSVTAADTAVYYCARELGHDYWGQGTLVTVSSASTKGPSVFPLAPSSKSTSGGTAALGCLVKDYFPEPVTVSWNSGAL
TSGVHTFPAVLQSSGLYSLSSVVTVPSSSLGTQTYICNVNHKPSNTKVDKKVEPKSCDKT
;
B
5 'polypeptide(L)'
;EIVMTQSPGTLSLSPGERATLSCRASQSISSSYLAWFQQKPGQAPRLLIYGASSRAPGIPDRFSGSGSGTDFTLTISRLE
PEDFAVYYCQQYGDSPLTFGGGTKVDIKRTVAAPSVFIFPPSDEQLKSGTASVVCLLNNFYPREAKVQWKVDNALQSGNS
QESVTEQDSKDSTYSLSSTLTLSKADYEKHKVYACEVTHQGLSSPVTKSFNRGEC
;
C
#
# COMPACT_ATOMS: atom_id res chain seq x y z
N THR A 1 -22.65 38.58 -4.34
CA THR A 1 -22.01 38.78 -3.04
C THR A 1 -22.37 37.64 -2.08
N ASN A 2 -21.46 37.37 -1.14
CA ASN A 2 -21.66 36.30 -0.16
C ASN A 2 -21.84 34.95 -0.84
N LEU A 3 -20.79 34.54 -1.56
CA LEU A 3 -20.81 33.27 -2.27
C LEU A 3 -20.86 32.11 -1.28
N CYS A 4 -20.99 30.90 -1.82
CA CYS A 4 -21.05 29.70 -1.02
C CYS A 4 -19.67 29.05 -0.90
N PRO A 5 -19.39 28.37 0.21
CA PRO A 5 -18.07 27.74 0.38
C PRO A 5 -17.95 26.40 -0.34
N PHE A 6 -17.66 26.47 -1.64
CA PHE A 6 -17.39 25.29 -2.46
C PHE A 6 -15.89 25.10 -2.68
N GLY A 7 -15.07 25.61 -1.76
CA GLY A 7 -13.64 25.41 -1.82
C GLY A 7 -13.14 24.70 -0.58
N GLU A 8 -13.88 24.85 0.52
CA GLU A 8 -13.61 24.10 1.73
C GLU A 8 -14.17 22.68 1.67
N VAL A 9 -14.91 22.35 0.62
CA VAL A 9 -15.50 21.04 0.45
C VAL A 9 -14.84 20.27 -0.68
N PHE A 10 -14.64 20.92 -1.83
CA PHE A 10 -14.07 20.28 -3.01
C PHE A 10 -12.56 20.35 -3.02
N ASN A 11 -11.99 21.54 -2.85
CA ASN A 11 -10.56 21.75 -2.92
C ASN A 11 -9.88 21.62 -1.57
N ALA A 12 -10.47 20.84 -0.66
CA ALA A 12 -9.85 20.60 0.64
C ALA A 12 -8.63 19.70 0.48
N THR A 13 -8.00 19.40 1.61
CA THR A 13 -6.77 18.61 1.64
C THR A 13 -7.02 17.15 1.96
N ARG A 14 -7.67 16.89 3.08
CA ARG A 14 -7.91 15.53 3.57
C ARG A 14 -9.40 15.30 3.68
N PHE A 15 -9.89 14.29 2.96
CA PHE A 15 -11.28 13.87 3.06
C PHE A 15 -11.41 12.83 4.16
N ALA A 16 -12.65 12.45 4.42
CA ALA A 16 -12.96 11.48 5.46
C ALA A 16 -13.21 10.09 4.85
N SER A 17 -13.33 9.11 5.72
CA SER A 17 -13.62 7.75 5.30
C SER A 17 -15.12 7.59 5.07
N VAL A 18 -15.48 6.68 4.17
CA VAL A 18 -16.88 6.54 3.78
C VAL A 18 -17.73 6.03 4.93
N TYR A 19 -17.13 5.41 5.95
CA TYR A 19 -17.87 5.04 7.14
C TYR A 19 -18.00 6.19 8.13
N ALA A 20 -17.36 7.32 7.87
CA ALA A 20 -17.46 8.52 8.70
C ALA A 20 -17.60 9.74 7.82
N TRP A 21 -18.39 9.63 6.76
CA TRP A 21 -18.51 10.70 5.77
C TRP A 21 -18.78 12.03 6.45
N ASN A 22 -18.15 13.08 5.91
CA ASN A 22 -18.22 14.40 6.51
C ASN A 22 -19.37 15.18 5.91
N ARG A 23 -20.33 15.55 6.74
CA ARG A 23 -21.49 16.33 6.31
C ARG A 23 -21.27 17.80 6.61
N LYS A 24 -21.74 18.66 5.71
CA LYS A 24 -21.65 20.11 5.88
C LYS A 24 -22.94 20.75 5.42
N ARG A 25 -23.39 21.74 6.18
CA ARG A 25 -24.61 22.48 5.87
C ARG A 25 -24.28 23.76 5.13
N ILE A 26 -25.17 24.14 4.21
CA ILE A 26 -24.99 25.35 3.41
C ILE A 26 -26.33 26.06 3.34
N SER A 27 -26.36 27.31 3.82
CA SER A 27 -27.54 28.15 3.78
C SER A 27 -27.09 29.60 3.72
N ASN A 28 -28.03 30.49 3.41
CA ASN A 28 -27.76 31.92 3.25
C ASN A 28 -26.54 32.12 2.35
N CYS A 29 -26.66 31.65 1.11
CA CYS A 29 -25.56 31.68 0.17
C CYS A 29 -26.09 32.07 -1.21
N VAL A 30 -25.15 32.30 -2.13
CA VAL A 30 -25.44 32.64 -3.52
C VAL A 30 -24.83 31.57 -4.40
N ALA A 31 -24.83 30.34 -3.92
CA ALA A 31 -24.11 29.23 -4.52
C ALA A 31 -24.14 29.27 -6.04
N ASP A 32 -22.96 29.29 -6.65
CA ASP A 32 -22.80 29.28 -8.09
C ASP A 32 -22.32 27.89 -8.51
N TYR A 33 -23.22 27.12 -9.12
CA TYR A 33 -22.91 25.76 -9.53
C TYR A 33 -22.22 25.67 -10.88
N SER A 34 -22.36 26.70 -11.72
CA SER A 34 -21.81 26.63 -13.07
C SER A 34 -20.33 26.29 -13.05
N VAL A 35 -19.60 26.76 -12.04
CA VAL A 35 -18.17 26.48 -11.97
C VAL A 35 -17.89 25.00 -11.81
N LEU A 36 -18.87 24.22 -11.33
CA LEU A 36 -18.64 22.81 -11.07
C LEU A 36 -18.74 21.99 -12.36
N TYR A 37 -19.91 21.98 -12.98
CA TYR A 37 -20.11 21.18 -14.19
C TYR A 37 -19.46 21.78 -15.42
N ASN A 38 -18.82 22.94 -15.28
CA ASN A 38 -17.99 23.50 -16.35
C ASN A 38 -16.52 23.17 -16.09
N SER A 39 -16.23 21.87 -16.10
CA SER A 39 -14.89 21.39 -15.83
C SER A 39 -14.77 19.95 -16.31
N ALA A 40 -13.52 19.51 -16.47
CA ALA A 40 -13.23 18.14 -16.89
C ALA A 40 -12.64 17.29 -15.78
N SER A 41 -12.17 17.90 -14.70
CA SER A 41 -11.63 17.12 -13.58
C SER A 41 -12.66 16.15 -13.03
N PHE A 42 -13.92 16.59 -12.97
CA PHE A 42 -14.97 15.76 -12.42
C PHE A 42 -15.34 14.63 -13.38
N SER A 43 -14.73 13.47 -13.18
CA SER A 43 -15.02 12.33 -14.05
C SER A 43 -16.48 11.88 -13.92
N THR A 44 -17.13 12.20 -12.81
CA THR A 44 -18.53 11.83 -12.60
C THR A 44 -19.27 13.04 -12.06
N PHE A 45 -20.31 13.48 -12.77
CA PHE A 45 -21.13 14.62 -12.36
C PHE A 45 -22.60 14.30 -12.54
N LYS A 46 -23.05 13.18 -12.00
CA LYS A 46 -24.44 12.81 -12.18
C LYS A 46 -25.34 13.72 -11.36
N CYS A 47 -26.60 13.80 -11.77
CA CYS A 47 -27.57 14.64 -11.07
C CYS A 47 -28.94 14.00 -11.18
N TYR A 48 -29.56 13.72 -10.03
CA TYR A 48 -30.84 13.04 -9.96
C TYR A 48 -31.90 14.03 -9.49
N GLY A 49 -33.02 14.06 -10.21
CA GLY A 49 -34.08 15.02 -9.94
C GLY A 49 -33.91 16.28 -10.75
N VAL A 50 -32.92 17.08 -10.38
CA VAL A 50 -32.64 18.35 -11.05
C VAL A 50 -31.81 18.12 -12.30
N SER A 51 -31.68 19.15 -13.13
CA SER A 51 -30.82 19.14 -14.30
C SER A 51 -29.61 20.02 -14.06
N PRO A 52 -28.44 19.67 -14.62
CA PRO A 52 -27.22 20.41 -14.31
C PRO A 52 -27.27 21.87 -14.71
N THR A 53 -27.54 22.13 -16.00
CA THR A 53 -27.52 23.50 -16.50
C THR A 53 -28.65 24.36 -15.95
N LYS A 54 -29.65 23.75 -15.30
CA LYS A 54 -30.76 24.48 -14.70
C LYS A 54 -30.58 24.64 -13.20
N LEU A 55 -29.34 24.80 -12.73
CA LEU A 55 -29.05 24.85 -11.31
C LEU A 55 -28.83 26.27 -10.79
N ASN A 56 -28.46 27.20 -11.66
CA ASN A 56 -28.24 28.58 -11.24
C ASN A 56 -29.50 29.43 -11.36
N ASP A 57 -30.67 28.81 -11.26
CA ASP A 57 -31.94 29.53 -11.32
C ASP A 57 -32.92 29.11 -10.24
N LEU A 58 -32.68 28.00 -9.54
CA LEU A 58 -33.57 27.56 -8.48
C LEU A 58 -33.19 28.22 -7.15
N CYS A 59 -33.94 27.88 -6.10
CA CYS A 59 -33.71 28.46 -4.79
C CYS A 59 -34.23 27.46 -3.76
N PHE A 60 -33.31 26.74 -3.13
CA PHE A 60 -33.65 25.70 -2.17
C PHE A 60 -33.53 26.23 -0.74
N THR A 61 -34.10 25.48 0.19
CA THR A 61 -34.04 25.88 1.60
C THR A 61 -32.62 25.77 2.13
N ASN A 62 -32.06 24.56 2.13
CA ASN A 62 -30.67 24.37 2.51
C ASN A 62 -30.07 23.26 1.67
N VAL A 63 -28.74 23.16 1.74
CA VAL A 63 -27.99 22.18 0.97
C VAL A 63 -27.09 21.41 1.92
N TYR A 64 -26.94 20.11 1.67
CA TYR A 64 -26.12 19.24 2.50
C TYR A 64 -25.06 18.60 1.62
N ALA A 65 -23.80 18.87 1.92
CA ALA A 65 -22.68 18.32 1.16
C ALA A 65 -22.00 17.25 1.98
N ASP A 66 -22.02 16.01 1.48
CA ASP A 66 -21.40 14.87 2.13
C ASP A 66 -20.16 14.48 1.33
N SER A 67 -19.00 14.57 1.97
CA SER A 67 -17.72 14.30 1.32
C SER A 67 -17.10 13.06 1.92
N PHE A 68 -16.46 12.26 1.07
CA PHE A 68 -15.76 11.06 1.52
C PHE A 68 -14.93 10.50 0.36
N VAL A 69 -14.31 9.34 0.58
CA VAL A 69 -13.39 8.73 -0.37
C VAL A 69 -13.73 7.25 -0.50
N ILE A 70 -13.69 6.75 -1.73
CA ILE A 70 -13.97 5.34 -1.99
C ILE A 70 -13.12 4.84 -3.13
N ARG A 71 -13.27 3.56 -3.48
CA ARG A 71 -12.59 2.99 -4.63
C ARG A 71 -13.17 3.58 -5.93
N GLY A 72 -12.63 3.12 -7.05
CA GLY A 72 -13.13 3.54 -8.34
C GLY A 72 -14.27 2.67 -8.83
N ASP A 73 -14.22 1.39 -8.48
CA ASP A 73 -15.26 0.44 -8.83
C ASP A 73 -16.47 0.51 -7.91
N GLU A 74 -16.45 1.38 -6.90
CA GLU A 74 -17.56 1.50 -5.96
C GLU A 74 -18.37 2.76 -6.19
N VAL A 75 -18.09 3.51 -7.25
CA VAL A 75 -18.82 4.75 -7.50
C VAL A 75 -20.20 4.48 -8.04
N ARG A 76 -20.38 3.37 -8.76
CA ARG A 76 -21.71 3.00 -9.24
C ARG A 76 -22.68 2.72 -8.11
N GLN A 77 -22.19 2.53 -6.89
CA GLN A 77 -23.06 2.30 -5.74
C GLN A 77 -23.59 3.59 -5.14
N ILE A 78 -23.07 4.74 -5.55
CA ILE A 78 -23.57 6.03 -5.05
C ILE A 78 -24.70 6.43 -5.98
N ALA A 79 -25.88 5.88 -5.70
CA ALA A 79 -27.07 6.19 -6.48
C ALA A 79 -28.28 5.53 -5.85
N PRO A 80 -29.48 6.08 -6.04
CA PRO A 80 -30.68 5.44 -5.47
C PRO A 80 -30.94 4.08 -6.10
N GLY A 81 -31.33 3.13 -5.25
CA GLY A 81 -31.68 1.81 -5.72
C GLY A 81 -30.49 0.95 -6.10
N GLN A 82 -29.40 1.07 -5.37
CA GLN A 82 -28.20 0.28 -5.61
C GLN A 82 -27.98 -0.69 -4.44
N THR A 83 -26.90 -1.45 -4.53
CA THR A 83 -26.66 -2.51 -3.57
C THR A 83 -25.18 -2.82 -3.52
N GLY A 84 -24.70 -3.18 -2.34
CA GLY A 84 -23.30 -3.46 -2.12
C GLY A 84 -22.91 -3.03 -0.72
N LYS A 85 -21.60 -2.99 -0.47
CA LYS A 85 -21.11 -2.47 0.80
C LYS A 85 -21.51 -1.02 0.97
N ILE A 86 -21.02 -0.16 0.07
CA ILE A 86 -21.16 1.28 0.24
C ILE A 86 -22.61 1.65 0.49
N ALA A 87 -23.51 1.11 -0.33
CA ALA A 87 -24.90 1.55 -0.28
C ALA A 87 -25.65 0.96 0.91
N ASP A 88 -25.25 -0.22 1.40
CA ASP A 88 -25.97 -0.91 2.45
C ASP A 88 -25.35 -0.70 3.82
N TYR A 89 -24.08 -1.07 3.98
CA TYR A 89 -23.38 -0.98 5.25
C TYR A 89 -22.64 0.33 5.42
N ASN A 90 -22.86 1.29 4.53
CA ASN A 90 -22.22 2.59 4.57
C ASN A 90 -23.19 3.59 3.96
N TYR A 91 -22.68 4.74 3.53
CA TYR A 91 -23.50 5.80 2.94
C TYR A 91 -24.59 5.23 2.04
N LYS A 92 -25.83 5.54 2.36
CA LYS A 92 -26.99 5.04 1.63
C LYS A 92 -27.87 6.22 1.22
N LEU A 93 -28.18 6.30 -0.08
CA LEU A 93 -29.04 7.37 -0.56
C LEU A 93 -30.49 6.89 -0.62
N PRO A 94 -31.47 7.75 -0.35
CA PRO A 94 -32.86 7.29 -0.40
C PRO A 94 -33.30 7.01 -1.83
N ASP A 95 -34.57 6.66 -1.99
CA ASP A 95 -35.14 6.42 -3.31
C ASP A 95 -35.80 7.70 -3.80
N ASP A 96 -35.50 8.07 -5.04
CA ASP A 96 -36.00 9.31 -5.64
C ASP A 96 -35.66 10.51 -4.76
N PHE A 97 -34.36 10.74 -4.61
CA PHE A 97 -33.85 11.91 -3.91
C PHE A 97 -33.47 12.98 -4.93
N THR A 98 -33.39 14.21 -4.46
CA THR A 98 -33.06 15.36 -5.31
C THR A 98 -31.65 15.82 -4.96
N GLY A 99 -30.79 15.89 -5.96
CA GLY A 99 -29.43 16.32 -5.70
C GLY A 99 -28.49 15.91 -6.81
N CYS A 100 -27.21 15.94 -6.49
CA CYS A 100 -26.16 15.67 -7.46
C CYS A 100 -25.02 14.91 -6.79
N VAL A 101 -24.30 14.14 -7.59
CA VAL A 101 -23.21 13.30 -7.13
C VAL A 101 -22.00 13.58 -8.00
N ILE A 102 -20.91 14.02 -7.38
CA ILE A 102 -19.68 14.37 -8.07
C ILE A 102 -18.58 13.47 -7.56
N ALA A 103 -17.68 13.07 -8.45
CA ALA A 103 -16.59 12.18 -8.08
C ALA A 103 -15.44 12.36 -9.04
N TRP A 104 -14.23 12.34 -8.48
CA TRP A 104 -13.03 12.57 -9.28
C TRP A 104 -11.85 11.85 -8.63
N ASN A 105 -10.87 11.49 -9.45
CA ASN A 105 -9.74 10.71 -8.98
C ASN A 105 -8.84 11.54 -8.07
N SER A 106 -8.23 10.86 -7.11
CA SER A 106 -7.30 11.48 -6.18
C SER A 106 -6.10 10.59 -5.93
N ASN A 107 -5.63 9.90 -6.96
CA ASN A 107 -4.48 9.03 -6.83
C ASN A 107 -3.21 9.79 -6.47
N ASN A 108 -3.24 11.12 -6.53
CA ASN A 108 -2.05 11.90 -6.16
C ASN A 108 -1.99 12.13 -4.66
N LEU A 109 -3.10 12.56 -4.06
CA LEU A 109 -3.10 12.90 -2.64
C LEU A 109 -3.29 11.68 -1.75
N ASP A 110 -4.17 10.76 -2.14
CA ASP A 110 -4.57 9.64 -1.30
C ASP A 110 -3.90 8.34 -1.72
N SER A 111 -2.65 8.41 -2.15
CA SER A 111 -1.87 7.23 -2.52
C SER A 111 -0.54 7.27 -1.81
N LYS A 112 -0.11 6.11 -1.30
CA LYS A 112 1.11 6.01 -0.53
C LYS A 112 1.83 4.72 -0.89
N VAL A 113 3.17 4.78 -0.85
CA VAL A 113 3.97 3.58 -1.00
C VAL A 113 3.95 2.71 0.25
N GLY A 114 3.53 1.47 0.10
CA GLY A 114 3.28 0.60 1.23
C GLY A 114 1.84 0.56 1.67
N GLY A 115 0.97 1.35 1.05
CA GLY A 115 -0.45 1.32 1.35
C GLY A 115 -0.90 2.35 2.36
N ASN A 116 -1.96 3.07 2.03
CA ASN A 116 -2.58 4.03 2.94
C ASN A 116 -3.68 3.30 3.71
N TYR A 117 -3.37 2.88 4.93
CA TYR A 117 -4.32 2.18 5.78
C TYR A 117 -5.15 3.13 6.63
N ASN A 118 -5.14 4.42 6.31
CA ASN A 118 -5.94 5.39 7.04
C ASN A 118 -7.37 5.47 6.52
N TYR A 119 -7.61 5.07 5.28
CA TYR A 119 -8.95 5.05 4.71
C TYR A 119 -9.54 3.67 4.91
N ARG A 120 -10.70 3.60 5.57
CA ARG A 120 -11.32 2.35 5.95
C ARG A 120 -12.75 2.32 5.45
N TYR A 121 -13.35 1.13 5.54
CA TYR A 121 -14.72 0.93 5.14
C TYR A 121 -15.33 -0.18 5.97
N ARG A 122 -16.63 -0.07 6.22
CA ARG A 122 -17.37 -1.07 6.97
C ARG A 122 -17.69 -2.25 6.05
N LEU A 123 -17.25 -3.44 6.45
CA LEU A 123 -17.41 -4.64 5.65
C LEU A 123 -18.46 -5.58 6.18
N PHE A 124 -18.67 -5.62 7.49
CA PHE A 124 -19.63 -6.51 8.11
C PHE A 124 -20.63 -5.70 8.92
N ARG A 125 -21.90 -6.10 8.86
CA ARG A 125 -22.95 -5.44 9.62
C ARG A 125 -24.15 -6.38 9.66
N LYS A 126 -24.72 -6.56 10.85
CA LYS A 126 -25.81 -7.51 11.03
C LYS A 126 -27.07 -7.12 10.27
N SER A 127 -27.13 -5.92 9.71
CA SER A 127 -28.30 -5.47 8.98
C SER A 127 -27.89 -4.31 8.07
N ASN A 128 -28.87 -3.78 7.35
CA ASN A 128 -28.63 -2.69 6.43
C ASN A 128 -28.91 -1.36 7.11
N LEU A 129 -28.31 -0.31 6.55
CA LEU A 129 -28.46 1.03 7.08
C LEU A 129 -29.73 1.69 6.52
N LYS A 130 -30.35 2.50 7.36
CA LYS A 130 -31.40 3.38 6.88
C LYS A 130 -30.77 4.55 6.12
N PRO A 131 -31.51 5.19 5.23
CA PRO A 131 -30.92 6.26 4.43
C PRO A 131 -30.36 7.37 5.31
N PHE A 132 -29.19 7.86 4.93
CA PHE A 132 -28.51 8.95 5.64
C PHE A 132 -28.29 8.59 7.11
N GLU A 133 -27.51 7.54 7.32
CA GLU A 133 -27.14 7.08 8.64
C GLU A 133 -25.63 6.97 8.73
N ARG A 134 -25.12 6.95 9.96
CA ARG A 134 -23.68 6.94 10.21
C ARG A 134 -23.42 6.03 11.41
N ASP A 135 -22.85 4.87 11.15
CA ASP A 135 -22.51 3.90 12.20
C ASP A 135 -20.99 3.85 12.31
N ILE A 136 -20.45 4.55 13.31
CA ILE A 136 -19.02 4.55 13.58
C ILE A 136 -18.62 3.53 14.63
N SER A 137 -19.57 2.71 15.09
CA SER A 137 -19.25 1.71 16.10
C SER A 137 -18.24 0.72 15.56
N THR A 138 -17.13 0.56 16.30
CA THR A 138 -16.09 -0.40 15.96
C THR A 138 -16.29 -1.73 16.68
N GLU A 139 -17.54 -2.08 16.96
CA GLU A 139 -17.82 -3.29 17.71
C GLU A 139 -17.42 -4.52 16.89
N ILE A 140 -17.57 -5.68 17.51
CA ILE A 140 -17.09 -6.93 16.94
C ILE A 140 -18.24 -7.63 16.23
N TYR A 141 -17.97 -8.14 15.03
CA TYR A 141 -18.97 -8.85 14.25
C TYR A 141 -18.95 -10.33 14.63
N GLN A 142 -20.06 -10.80 15.17
CA GLN A 142 -20.20 -12.20 15.57
C GLN A 142 -20.83 -12.98 14.42
N ALA A 143 -20.19 -14.10 14.06
CA ALA A 143 -20.64 -14.92 12.94
C ALA A 143 -20.67 -16.40 13.30
N GLY A 144 -20.68 -16.73 14.58
CA GLY A 144 -20.67 -18.11 15.02
C GLY A 144 -21.57 -18.31 16.23
N SER A 145 -21.57 -19.55 16.73
CA SER A 145 -22.30 -19.89 17.94
C SER A 145 -21.41 -19.76 19.17
N LYS A 146 -20.77 -18.59 19.28
CA LYS A 146 -19.82 -18.33 20.36
C LYS A 146 -19.72 -16.83 20.58
N PRO A 147 -20.08 -16.32 21.76
CA PRO A 147 -20.01 -14.88 21.98
C PRO A 147 -18.58 -14.36 21.87
N CYS A 148 -18.47 -13.09 21.52
CA CYS A 148 -17.17 -12.46 21.28
C CYS A 148 -16.63 -11.71 22.48
N ASN A 149 -17.50 -11.23 23.36
CA ASN A 149 -17.12 -10.45 24.54
C ASN A 149 -16.01 -9.46 24.22
N GLY A 150 -16.10 -8.81 23.07
CA GLY A 150 -15.14 -7.78 22.70
C GLY A 150 -13.73 -8.27 22.50
N VAL A 151 -13.56 -9.51 22.04
CA VAL A 151 -12.25 -10.09 21.78
C VAL A 151 -12.27 -10.74 20.42
N GLU A 152 -11.41 -10.27 19.51
CA GLU A 152 -11.34 -10.83 18.18
C GLU A 152 -10.82 -12.26 18.22
N GLY A 153 -11.37 -13.12 17.37
CA GLY A 153 -10.98 -14.51 17.35
C GLY A 153 -11.57 -15.29 16.20
N PHE A 154 -12.01 -16.51 16.48
CA PHE A 154 -12.58 -17.38 15.46
C PHE A 154 -14.04 -17.03 15.24
N ASN A 155 -14.39 -16.65 14.01
CA ASN A 155 -15.72 -16.25 13.59
C ASN A 155 -16.15 -14.92 14.18
N CYS A 156 -15.35 -14.31 15.05
CA CYS A 156 -15.61 -12.99 15.61
C CYS A 156 -14.58 -12.04 14.99
N TYR A 157 -15.03 -11.20 14.08
CA TYR A 157 -14.15 -10.40 13.24
C TYR A 157 -14.34 -8.91 13.53
N PHE A 158 -13.49 -8.11 12.88
CA PHE A 158 -13.52 -6.66 12.94
C PHE A 158 -14.19 -6.11 11.70
N PRO A 159 -15.20 -5.25 11.83
CA PRO A 159 -15.95 -4.84 10.63
C PRO A 159 -15.19 -3.89 9.73
N LEU A 160 -14.40 -3.00 10.31
CA LEU A 160 -13.73 -1.96 9.53
C LEU A 160 -12.43 -2.52 8.94
N GLN A 161 -12.31 -2.41 7.62
CA GLN A 161 -11.13 -2.90 6.91
C GLN A 161 -10.60 -1.80 6.02
N SER A 162 -9.30 -1.85 5.75
CA SER A 162 -8.60 -0.74 5.14
C SER A 162 -8.49 -0.89 3.63
N TYR A 163 -8.57 0.25 2.94
CA TYR A 163 -8.18 0.32 1.54
C TYR A 163 -6.67 0.35 1.42
N GLY A 164 -6.14 -0.43 0.49
CA GLY A 164 -4.70 -0.56 0.34
C GLY A 164 -4.15 0.33 -0.75
N PHE A 165 -4.63 1.57 -0.79
CA PHE A 165 -4.28 2.49 -1.87
C PHE A 165 -2.77 2.56 -2.06
N GLN A 166 -2.36 2.32 -3.29
CA GLN A 166 -0.98 2.50 -3.74
C GLN A 166 -0.99 3.34 -4.99
N PRO A 167 0.17 3.84 -5.43
CA PRO A 167 0.23 4.63 -6.66
C PRO A 167 0.28 3.78 -7.92
N THR A 168 0.44 2.47 -7.80
CA THR A 168 0.49 1.58 -8.95
C THR A 168 -0.84 0.90 -9.24
N ASN A 169 -1.74 0.81 -8.27
CA ASN A 169 -3.10 0.36 -8.53
C ASN A 169 -3.64 1.07 -9.74
N GLY A 170 -4.14 0.31 -10.71
CA GLY A 170 -4.32 0.86 -12.03
C GLY A 170 -5.42 1.89 -12.19
N VAL A 171 -6.68 1.45 -12.22
CA VAL A 171 -7.79 2.37 -12.44
C VAL A 171 -8.89 2.14 -11.41
N GLY A 172 -9.39 0.91 -11.35
CA GLY A 172 -10.56 0.63 -10.53
C GLY A 172 -10.25 0.52 -9.06
N TYR A 173 -9.02 0.18 -8.71
CA TYR A 173 -8.58 0.13 -7.32
C TYR A 173 -7.79 1.36 -6.93
N GLN A 174 -8.15 2.50 -7.50
CA GLN A 174 -7.54 3.80 -7.25
C GLN A 174 -8.49 4.67 -6.45
N PRO A 175 -7.98 5.57 -5.63
CA PRO A 175 -8.86 6.39 -4.79
C PRO A 175 -9.65 7.39 -5.61
N TYR A 176 -10.91 7.57 -5.22
CA TYR A 176 -11.82 8.53 -5.85
C TYR A 176 -12.53 9.30 -4.75
N ARG A 177 -12.43 10.61 -4.79
CA ARG A 177 -13.11 11.47 -3.85
C ARG A 177 -14.50 11.80 -4.35
N VAL A 178 -15.47 11.78 -3.45
CA VAL A 178 -16.88 11.88 -3.78
C VAL A 178 -17.53 12.95 -2.91
N VAL A 179 -18.38 13.75 -3.54
CA VAL A 179 -19.14 14.81 -2.89
C VAL A 179 -20.58 14.68 -3.35
N VAL A 180 -21.50 14.57 -2.40
CA VAL A 180 -22.91 14.39 -2.67
C VAL A 180 -23.64 15.62 -2.15
N LEU A 181 -24.31 16.33 -3.05
CA LEU A 181 -25.06 17.54 -2.72
C LEU A 181 -26.54 17.20 -2.71
N SER A 182 -27.15 17.23 -1.53
CA SER A 182 -28.58 17.02 -1.36
C SER A 182 -29.25 18.37 -1.16
N PHE A 183 -30.17 18.70 -2.06
CA PHE A 183 -30.88 19.98 -2.03
C PHE A 183 -32.17 19.79 -1.26
N GLU A 184 -32.14 20.10 0.04
CA GLU A 184 -33.30 19.88 0.89
C GLU A 184 -34.14 21.14 0.92
N LEU A 185 -35.37 21.02 0.42
CA LEU A 185 -36.35 22.10 0.44
C LEU A 185 -37.33 21.87 1.58
N LEU A 186 -37.87 22.97 2.11
CA LEU A 186 -38.80 22.92 3.22
C LEU A 186 -39.85 24.01 3.04
N HIS A 187 -40.80 24.08 3.96
CA HIS A 187 -41.83 25.10 3.95
C HIS A 187 -41.32 26.45 4.39
N ALA A 188 -40.06 26.56 4.76
CA ALA A 188 -39.45 27.83 5.11
C ALA A 188 -38.89 28.51 3.87
N PRO A 189 -38.57 29.79 3.96
CA PRO A 189 -38.09 30.50 2.77
C PRO A 189 -36.83 29.85 2.20
N ALA A 190 -36.51 30.24 0.97
CA ALA A 190 -35.37 29.69 0.24
C ALA A 190 -34.18 30.59 0.48
N THR A 191 -33.41 30.31 1.54
CA THR A 191 -32.21 31.09 1.82
C THR A 191 -31.22 30.97 0.68
N VAL A 192 -30.90 29.74 0.27
CA VAL A 192 -29.99 29.55 -0.85
C VAL A 192 -30.65 30.04 -2.14
N CYS A 193 -29.83 30.42 -3.10
CA CYS A 193 -30.31 30.92 -4.38
C CYS A 193 -29.14 31.00 -5.34
N GLY A 194 -29.45 30.97 -6.62
CA GLY A 194 -28.43 31.07 -7.64
C GLY A 194 -28.09 32.51 -7.95
N PRO A 195 -26.98 32.69 -8.67
CA PRO A 195 -26.58 34.04 -9.06
C PRO A 195 -27.54 34.68 -10.05
N LYS A 196 -27.27 35.91 -10.45
CA LYS A 196 -28.14 36.64 -11.36
C LYS A 196 -27.32 37.50 -12.33
N GLU B 1 22.01 2.78 -2.43
CA GLU B 1 21.60 3.53 -1.25
C GLU B 1 20.77 4.74 -1.66
N VAL B 2 19.94 5.21 -0.73
CA VAL B 2 19.13 6.39 -0.99
C VAL B 2 19.99 7.63 -0.88
N GLN B 3 19.87 8.53 -1.86
CA GLN B 3 20.73 9.71 -1.90
C GLN B 3 20.09 10.75 -2.80
N LEU B 4 19.86 11.94 -2.26
CA LEU B 4 19.42 13.10 -3.02
C LEU B 4 20.53 14.13 -3.03
N VAL B 5 20.77 14.73 -4.21
CA VAL B 5 21.85 15.69 -4.38
C VAL B 5 21.30 16.87 -5.15
N GLU B 6 21.42 18.07 -4.57
CA GLU B 6 20.88 19.28 -5.15
C GLU B 6 21.99 20.09 -5.81
N SER B 7 21.59 20.91 -6.77
CA SER B 7 22.53 21.76 -7.49
C SER B 7 21.81 22.98 -8.02
N GLY B 8 22.57 24.04 -8.24
CA GLY B 8 22.02 25.31 -8.69
C GLY B 8 22.27 26.42 -7.71
N GLY B 9 23.32 26.29 -6.91
CA GLY B 9 23.63 27.26 -5.88
C GLY B 9 24.73 28.22 -6.28
N GLY B 10 24.38 29.49 -6.42
CA GLY B 10 25.36 30.50 -6.75
C GLY B 10 24.76 31.89 -6.63
N VAL B 11 25.62 32.89 -6.74
CA VAL B 11 25.17 34.27 -6.64
C VAL B 11 24.20 34.57 -7.77
N VAL B 12 23.31 35.53 -7.52
CA VAL B 12 22.33 35.95 -8.50
C VAL B 12 21.74 37.28 -8.04
N GLN B 13 21.44 38.13 -8.99
CA GLN B 13 20.96 39.46 -8.64
C GLN B 13 19.43 39.50 -8.65
N PRO B 14 18.85 40.43 -7.89
CA PRO B 14 17.38 40.52 -7.84
C PRO B 14 16.74 40.61 -9.22
N GLY B 15 15.46 40.25 -9.29
CA GLY B 15 14.73 40.34 -10.54
C GLY B 15 14.96 39.15 -11.45
N ARG B 16 16.22 38.73 -11.57
CA ARG B 16 16.56 37.64 -12.47
C ARG B 16 16.02 36.33 -11.91
N SER B 17 16.25 35.25 -12.66
CA SER B 17 15.67 33.95 -12.36
C SER B 17 16.78 32.91 -12.21
N LEU B 18 16.40 31.76 -11.65
CA LEU B 18 17.33 30.67 -11.44
C LEU B 18 16.55 29.36 -11.46
N ARG B 19 17.29 28.25 -11.58
CA ARG B 19 16.68 26.93 -11.64
C ARG B 19 17.55 25.96 -10.86
N LEU B 20 16.98 25.39 -9.80
CA LEU B 20 17.65 24.37 -9.00
C LEU B 20 17.16 23.00 -9.40
N SER B 21 18.04 22.02 -9.28
CA SER B 21 17.77 20.65 -9.73
C SER B 21 18.27 19.66 -8.71
N CYS B 22 17.41 18.72 -8.34
CA CYS B 22 17.73 17.63 -7.43
C CYS B 22 17.75 16.33 -8.19
N ALA B 23 18.80 15.54 -7.96
CA ALA B 23 18.95 14.22 -8.57
C ALA B 23 18.85 13.17 -7.48
N ALA B 24 18.09 12.11 -7.75
CA ALA B 24 17.82 11.05 -6.80
C ALA B 24 18.49 9.76 -7.24
N SER B 25 18.84 8.92 -6.26
CA SER B 25 19.45 7.64 -6.56
C SER B 25 19.16 6.67 -5.42
N GLY B 26 18.62 5.51 -5.77
CA GLY B 26 18.40 4.44 -4.82
C GLY B 26 16.97 4.17 -4.42
N PHE B 27 15.99 4.62 -5.20
CA PHE B 27 14.59 4.34 -4.89
C PHE B 27 13.74 4.75 -6.10
N THR B 28 12.49 4.29 -6.08
CA THR B 28 11.57 4.54 -7.18
C THR B 28 11.10 5.99 -7.17
N PHE B 29 11.79 6.85 -7.93
CA PHE B 29 11.46 8.27 -7.96
C PHE B 29 10.03 8.51 -8.42
N SER B 30 9.51 7.66 -9.29
CA SER B 30 8.22 7.90 -9.93
C SER B 30 7.03 7.50 -9.06
N SER B 31 7.25 7.27 -7.77
CA SER B 31 6.17 6.97 -6.84
C SER B 31 6.12 7.93 -5.66
N TYR B 32 7.27 8.36 -5.16
CA TYR B 32 7.32 9.27 -4.03
C TYR B 32 7.04 10.69 -4.47
N ALA B 33 6.42 11.46 -3.59
CA ALA B 33 6.25 12.88 -3.78
C ALA B 33 7.46 13.63 -3.23
N MET B 34 7.64 14.86 -3.68
CA MET B 34 8.84 15.62 -3.38
C MET B 34 8.49 16.98 -2.80
N HIS B 35 9.32 17.43 -1.86
CA HIS B 35 9.14 18.70 -1.18
C HIS B 35 10.39 19.53 -1.32
N TRP B 36 10.21 20.83 -1.47
CA TRP B 36 11.28 21.81 -1.44
C TRP B 36 11.11 22.64 -0.18
N VAL B 37 12.17 22.74 0.61
CA VAL B 37 12.13 23.39 1.92
C VAL B 37 13.41 24.19 2.11
N ARG B 38 13.28 25.44 2.54
CA ARG B 38 14.44 26.30 2.72
C ARG B 38 14.70 26.62 4.17
N GLN B 39 15.90 27.13 4.43
CA GLN B 39 16.32 27.61 5.73
C GLN B 39 17.19 28.83 5.52
N ALA B 40 16.75 29.97 6.03
CA ALA B 40 17.50 31.20 5.86
C ALA B 40 18.68 31.23 6.82
N PRO B 41 19.64 32.13 6.59
CA PRO B 41 20.81 32.19 7.48
C PRO B 41 20.44 32.78 8.84
N GLY B 42 20.61 31.98 9.89
CA GLY B 42 20.28 32.42 11.22
C GLY B 42 18.82 32.30 11.59
N LYS B 43 18.02 31.63 10.77
CA LYS B 43 16.60 31.45 11.06
C LYS B 43 16.23 29.98 10.93
N GLY B 44 14.94 29.67 11.02
CA GLY B 44 14.46 28.31 11.05
C GLY B 44 13.98 27.82 9.69
N LEU B 45 13.60 26.55 9.66
CA LEU B 45 13.12 25.93 8.44
C LEU B 45 11.86 26.60 7.95
N GLU B 46 11.70 26.64 6.62
CA GLU B 46 10.53 27.23 6.00
C GLU B 46 10.11 26.36 4.82
N TRP B 47 8.80 26.17 4.68
CA TRP B 47 8.27 25.36 3.61
C TRP B 47 8.18 26.16 2.32
N VAL B 48 8.46 25.51 1.19
CA VAL B 48 8.48 26.19 -0.10
C VAL B 48 7.45 25.56 -1.03
N ALA B 49 7.56 24.26 -1.29
CA ALA B 49 6.64 23.68 -2.26
C ALA B 49 6.59 22.17 -2.13
N VAL B 50 5.57 21.58 -2.77
CA VAL B 50 5.41 20.14 -2.88
C VAL B 50 4.86 19.79 -4.26
N ILE B 51 5.29 18.64 -4.76
CA ILE B 51 4.81 18.10 -6.03
C ILE B 51 4.57 16.60 -5.86
N SER B 52 3.55 16.10 -6.54
CA SER B 52 3.14 14.71 -6.44
C SER B 52 4.07 13.80 -7.24
N PHE B 53 3.70 12.52 -7.36
CA PHE B 53 4.50 11.54 -8.06
C PHE B 53 4.21 11.48 -9.55
N ASP B 54 3.39 12.40 -10.07
CA ASP B 54 3.12 12.47 -11.49
C ASP B 54 3.23 13.87 -12.07
N GLY B 55 3.12 14.92 -11.27
CA GLY B 55 3.25 16.27 -11.74
C GLY B 55 1.96 17.02 -11.96
N SER B 56 0.82 16.43 -11.56
CA SER B 56 -0.47 17.06 -11.80
C SER B 56 -0.98 17.85 -10.59
N ASN B 57 -0.42 17.61 -9.41
CA ASN B 57 -0.81 18.32 -8.20
C ASN B 57 0.43 19.02 -7.63
N LYS B 58 0.42 20.34 -7.65
CA LYS B 58 1.51 21.15 -7.13
C LYS B 58 0.96 22.12 -6.11
N TYR B 59 1.73 22.37 -5.06
CA TYR B 59 1.34 23.33 -4.05
C TYR B 59 2.54 24.15 -3.62
N TYR B 60 2.32 25.45 -3.41
CA TYR B 60 3.34 26.37 -2.97
C TYR B 60 2.83 27.13 -1.75
N ALA B 61 3.74 27.88 -1.13
CA ALA B 61 3.39 28.67 0.04
C ALA B 61 2.72 29.97 -0.40
N ASP B 62 2.50 30.87 0.55
CA ASP B 62 1.89 32.17 0.28
C ASP B 62 2.93 33.25 0.01
N SER B 63 4.21 32.90 -0.06
CA SER B 63 5.28 33.85 -0.31
C SER B 63 6.02 33.58 -1.61
N VAL B 64 5.70 32.50 -2.31
CA VAL B 64 6.39 32.14 -3.54
C VAL B 64 5.39 31.84 -4.64
N LYS B 65 4.10 32.05 -4.36
CA LYS B 65 3.07 31.83 -5.37
C LYS B 65 3.33 32.71 -6.57
N GLY B 66 3.30 32.10 -7.76
CA GLY B 66 3.52 32.83 -8.99
C GLY B 66 4.99 33.04 -9.31
N ARG B 67 5.79 33.30 -8.28
CA ARG B 67 7.21 33.56 -8.50
C ARG B 67 7.96 32.26 -8.74
N PHE B 68 7.59 31.19 -8.04
CA PHE B 68 8.27 29.90 -8.13
C PHE B 68 7.40 28.91 -8.89
N THR B 69 8.06 27.95 -9.53
CA THR B 69 7.40 26.91 -10.30
C THR B 69 8.15 25.61 -10.12
N ILE B 70 7.49 24.62 -9.52
CA ILE B 70 8.10 23.33 -9.26
C ILE B 70 7.67 22.35 -10.34
N SER B 71 8.54 21.40 -10.64
CA SER B 71 8.28 20.41 -11.68
C SER B 71 9.22 19.24 -11.49
N ARG B 72 9.05 18.22 -12.31
CA ARG B 72 9.91 17.04 -12.22
C ARG B 72 9.95 16.32 -13.55
N ASP B 73 10.94 15.44 -13.67
CA ASP B 73 11.11 14.58 -14.86
C ASP B 73 11.54 13.21 -14.36
N ASN B 74 10.64 12.23 -14.48
CA ASN B 74 10.94 10.88 -14.01
C ASN B 74 11.93 10.16 -14.91
N SER B 75 12.04 10.58 -16.17
CA SER B 75 13.00 9.95 -17.08
C SER B 75 14.41 9.98 -16.49
N LYS B 76 14.92 11.17 -16.23
CA LYS B 76 16.25 11.34 -15.66
C LYS B 76 16.25 11.34 -14.13
N ASN B 77 15.08 11.16 -13.50
CA ASN B 77 14.96 11.20 -12.05
C ASN B 77 15.47 12.54 -11.51
N THR B 78 14.79 13.60 -11.92
CA THR B 78 15.19 14.96 -11.58
C THR B 78 13.99 15.75 -11.08
N LEU B 79 14.25 16.68 -10.17
CA LEU B 79 13.23 17.53 -9.58
C LEU B 79 13.68 18.97 -9.69
N TYR B 80 12.90 19.80 -10.39
CA TYR B 80 13.30 21.14 -10.76
C TYR B 80 12.47 22.18 -10.01
N LEU B 81 13.12 23.28 -9.65
CA LEU B 81 12.46 24.43 -9.04
C LEU B 81 12.96 25.68 -9.76
N GLN B 82 12.05 26.38 -10.43
CA GLN B 82 12.37 27.59 -11.17
C GLN B 82 11.91 28.79 -10.35
N MET B 83 12.86 29.59 -9.89
CA MET B 83 12.58 30.81 -9.15
C MET B 83 12.67 32.00 -10.10
N ASN B 84 11.68 32.88 -10.03
CA ASN B 84 11.62 34.07 -10.86
C ASN B 84 11.29 35.27 -9.98
N SER B 85 11.91 36.40 -10.30
CA SER B 85 11.72 37.63 -9.54
C SER B 85 12.34 37.52 -8.15
N LEU B 86 13.54 36.95 -8.08
CA LEU B 86 14.22 36.77 -6.81
C LEU B 86 14.32 38.10 -6.07
N ARG B 87 14.40 38.02 -4.74
CA ARG B 87 14.59 39.17 -3.87
C ARG B 87 15.65 38.83 -2.84
N ALA B 88 16.06 39.86 -2.09
CA ALA B 88 17.02 39.64 -1.02
C ALA B 88 16.42 38.87 0.14
N GLU B 89 15.10 38.74 0.20
CA GLU B 89 14.42 37.96 1.21
C GLU B 89 14.38 36.47 0.90
N ASP B 90 15.23 36.01 -0.03
CA ASP B 90 15.25 34.63 -0.44
C ASP B 90 16.62 33.98 -0.35
N THR B 91 17.66 34.74 0.01
CA THR B 91 18.95 34.13 0.28
C THR B 91 18.79 33.09 1.37
N ALA B 92 19.22 31.86 1.09
CA ALA B 92 18.83 30.75 1.95
C ALA B 92 19.67 29.53 1.62
N VAL B 93 19.29 28.40 2.20
CA VAL B 93 19.84 27.09 1.88
C VAL B 93 18.65 26.18 1.60
N TYR B 94 18.63 25.59 0.42
CA TYR B 94 17.48 24.83 -0.05
C TYR B 94 17.75 23.34 0.06
N TYR B 95 16.72 22.60 0.48
CA TYR B 95 16.77 21.17 0.70
C TYR B 95 15.64 20.51 -0.06
N CYS B 96 15.94 19.36 -0.67
CA CYS B 96 14.94 18.48 -1.22
C CYS B 96 14.58 17.43 -0.19
N ALA B 97 13.31 17.04 -0.17
CA ALA B 97 12.83 16.08 0.81
C ALA B 97 11.89 15.09 0.14
N ARG B 98 11.99 13.84 0.54
CA ARG B 98 11.12 12.79 0.03
C ARG B 98 9.89 12.65 0.91
N ALA B 99 8.80 12.18 0.31
CA ALA B 99 7.57 11.96 1.05
C ALA B 99 6.84 10.78 0.43
N SER B 100 6.57 9.76 1.22
CA SER B 100 5.85 8.60 0.73
C SER B 100 4.43 8.94 0.30
N ILE B 101 3.94 10.12 0.68
CA ILE B 101 2.52 10.46 0.52
C ILE B 101 2.41 11.96 0.40
N THR B 102 1.68 12.42 -0.63
CA THR B 102 1.24 13.80 -0.66
C THR B 102 0.26 14.13 0.46
N THR B 103 0.47 15.27 1.10
CA THR B 103 -0.05 15.62 2.43
C THR B 103 0.77 15.12 3.60
N THR B 104 1.87 14.42 3.36
CA THR B 104 2.77 13.92 4.40
C THR B 104 2.00 13.33 5.57
N ASP B 105 1.21 12.31 5.27
CA ASP B 105 0.53 11.56 6.32
C ASP B 105 1.53 10.84 7.22
N ASP B 106 2.78 10.70 6.79
CA ASP B 106 3.80 9.99 7.55
C ASP B 106 5.06 10.81 7.77
N GLY B 107 5.25 11.91 7.06
CA GLY B 107 6.39 12.78 7.28
C GLY B 107 7.51 12.52 6.28
N MET B 108 8.37 13.52 6.15
CA MET B 108 9.55 13.40 5.31
C MET B 108 10.58 12.51 5.99
N ASP B 109 11.30 11.73 5.18
CA ASP B 109 12.25 10.77 5.71
C ASP B 109 13.60 10.77 5.01
N VAL B 110 13.76 11.52 3.92
CA VAL B 110 15.02 11.59 3.20
C VAL B 110 15.27 13.05 2.82
N TRP B 111 16.49 13.52 3.07
CA TRP B 111 16.86 14.90 2.81
C TRP B 111 18.21 14.95 2.11
N GLY B 112 18.49 16.11 1.52
CA GLY B 112 19.79 16.36 0.92
C GLY B 112 20.62 17.31 1.73
N GLN B 113 21.94 17.30 1.51
CA GLN B 113 22.82 18.17 2.30
C GLN B 113 22.50 19.64 2.10
N GLY B 114 21.83 20.00 1.01
CA GLY B 114 21.39 21.36 0.79
C GLY B 114 22.29 22.10 -0.17
N THR B 115 21.72 23.12 -0.82
CA THR B 115 22.45 23.98 -1.73
C THR B 115 22.20 25.44 -1.35
N THR B 116 23.27 26.22 -1.28
CA THR B 116 23.16 27.61 -0.85
C THR B 116 22.73 28.50 -2.01
N VAL B 117 22.06 29.60 -1.68
CA VAL B 117 21.55 30.55 -2.65
C VAL B 117 21.77 31.94 -2.08
N THR B 118 22.70 32.69 -2.66
CA THR B 118 22.95 34.08 -2.30
C THR B 118 22.29 35.00 -3.32
N VAL B 119 21.71 36.08 -2.83
CA VAL B 119 20.97 37.03 -3.65
C VAL B 119 21.42 38.43 -3.26
N SER B 120 22.33 39.01 -4.03
CA SER B 120 22.79 40.37 -3.79
C SER B 120 23.45 40.89 -5.06
N SER B 121 23.17 42.14 -5.40
CA SER B 121 23.68 42.73 -6.63
C SER B 121 25.17 43.01 -6.58
N ALA B 122 25.81 42.85 -5.42
CA ALA B 122 27.23 43.11 -5.33
C ALA B 122 28.03 42.15 -6.21
N SER B 123 29.32 42.45 -6.34
CA SER B 123 30.24 41.64 -7.12
C SER B 123 31.40 41.18 -6.25
N THR B 124 32.09 40.14 -6.71
CA THR B 124 33.23 39.62 -5.97
C THR B 124 34.17 40.74 -5.57
N LYS B 125 34.80 40.58 -4.40
CA LYS B 125 35.69 41.58 -3.87
C LYS B 125 36.56 40.97 -2.80
N GLY B 126 37.86 41.22 -2.87
CA GLY B 126 38.78 40.75 -1.86
C GLY B 126 38.52 41.45 -0.55
N PRO B 127 38.90 40.83 0.56
CA PRO B 127 38.61 41.39 1.87
C PRO B 127 39.57 42.52 2.24
N SER B 128 39.18 43.26 3.27
CA SER B 128 40.04 44.25 3.90
C SER B 128 40.31 43.81 5.32
N VAL B 129 41.59 43.73 5.68
CA VAL B 129 42.01 43.18 6.97
C VAL B 129 42.48 44.32 7.86
N PHE B 130 42.16 44.22 9.14
CA PHE B 130 42.56 45.23 10.12
C PHE B 130 42.94 44.53 11.42
N PRO B 131 44.07 44.89 12.03
CA PRO B 131 44.47 44.22 13.28
C PRO B 131 43.91 44.90 14.52
N LEU B 132 43.42 44.09 15.46
CA LEU B 132 42.94 44.59 16.75
C LEU B 132 44.01 44.28 17.79
N ALA B 133 44.95 45.21 17.94
CA ALA B 133 46.07 45.00 18.83
C ALA B 133 45.60 44.96 20.28
N PRO B 134 46.43 44.43 21.19
CA PRO B 134 46.06 44.45 22.61
C PRO B 134 45.98 45.86 23.17
N SER B 135 45.63 45.99 24.43
CA SER B 135 45.45 47.29 25.05
C SER B 135 45.69 47.18 26.55
N SER B 136 46.19 48.27 27.14
CA SER B 136 46.41 48.28 28.57
C SER B 136 45.13 48.04 29.34
N LYS B 137 43.97 48.37 28.74
CA LYS B 137 42.69 48.11 29.39
C LYS B 137 42.32 46.64 29.35
N SER B 138 42.88 45.88 28.43
CA SER B 138 42.62 44.45 28.31
C SER B 138 43.59 43.61 29.14
N THR B 139 44.21 44.19 30.16
CA THR B 139 45.13 43.47 31.03
C THR B 139 44.36 42.93 32.23
N SER B 140 44.30 41.61 32.35
CA SER B 140 43.53 40.97 33.42
C SER B 140 44.21 39.66 33.76
N GLY B 141 44.76 39.58 34.97
CA GLY B 141 45.43 38.37 35.43
C GLY B 141 46.48 37.86 34.47
N GLY B 142 47.15 38.78 33.78
CA GLY B 142 48.17 38.39 32.82
C GLY B 142 47.62 37.75 31.57
N THR B 143 46.46 38.19 31.09
CA THR B 143 45.82 37.64 29.91
C THR B 143 45.54 38.78 28.94
N ALA B 144 46.04 38.64 27.71
CA ALA B 144 45.88 39.64 26.67
C ALA B 144 45.09 39.06 25.52
N ALA B 145 44.02 39.74 25.12
CA ALA B 145 43.21 39.33 23.99
C ALA B 145 43.61 40.14 22.76
N LEU B 146 43.86 39.45 21.65
CA LEU B 146 44.20 40.10 20.39
C LEU B 146 43.38 39.45 19.29
N GLY B 147 43.55 39.92 18.07
CA GLY B 147 42.83 39.33 16.96
C GLY B 147 42.96 40.13 15.69
N CYS B 148 42.32 39.60 14.65
CA CYS B 148 42.24 40.23 13.34
C CYS B 148 40.77 40.44 12.98
N LEU B 149 40.53 41.27 11.97
CA LEU B 149 39.18 41.54 11.51
C LEU B 149 39.17 41.58 9.99
N VAL B 150 38.28 40.78 9.38
CA VAL B 150 38.04 40.81 7.95
C VAL B 150 36.75 41.59 7.72
N LYS B 151 36.76 42.50 6.74
CA LYS B 151 35.61 43.35 6.52
C LYS B 151 35.51 43.68 5.04
N ASP B 152 34.27 43.89 4.58
CA ASP B 152 34.00 44.33 3.21
C ASP B 152 34.56 43.32 2.21
N TYR B 153 34.03 42.11 2.28
CA TYR B 153 34.40 41.04 1.38
C TYR B 153 33.14 40.39 0.83
N PHE B 154 33.30 39.70 -0.29
CA PHE B 154 32.19 39.07 -0.99
C PHE B 154 32.75 38.16 -2.07
N PRO B 155 32.23 36.93 -2.23
CA PRO B 155 31.18 36.26 -1.44
C PRO B 155 31.77 35.39 -0.33
N GLU B 156 30.92 34.60 0.29
CA GLU B 156 31.38 33.59 1.23
C GLU B 156 31.97 32.40 0.47
N PRO B 157 32.78 31.56 1.15
CA PRO B 157 33.23 31.67 2.54
C PRO B 157 34.66 32.22 2.66
N VAL B 158 35.17 32.22 3.89
CA VAL B 158 36.53 32.64 4.17
C VAL B 158 37.19 31.56 5.02
N THR B 159 38.52 31.51 4.96
CA THR B 159 39.28 30.62 5.82
C THR B 159 40.37 31.42 6.52
N VAL B 160 40.54 31.16 7.82
CA VAL B 160 41.47 31.90 8.65
C VAL B 160 42.28 30.91 9.49
N SER B 161 43.54 31.27 9.75
CA SER B 161 44.40 30.43 10.56
C SER B 161 45.41 31.32 11.28
N TRP B 162 45.55 31.13 12.58
CA TRP B 162 46.50 31.90 13.38
C TRP B 162 47.81 31.13 13.47
N ASN B 163 48.89 31.75 13.01
CA ASN B 163 50.22 31.14 13.02
C ASN B 163 50.25 29.87 12.17
N SER B 164 49.77 30.00 10.94
CA SER B 164 49.77 28.91 9.97
C SER B 164 49.14 27.65 10.56
N GLY B 165 47.88 27.77 10.96
CA GLY B 165 47.13 26.62 11.44
C GLY B 165 47.75 25.94 12.64
N ALA B 166 48.41 26.71 13.51
CA ALA B 166 49.05 26.16 14.70
C ALA B 166 48.35 26.56 15.99
N LEU B 167 48.12 27.85 16.20
CA LEU B 167 47.47 28.34 17.41
C LEU B 167 45.98 28.03 17.34
N THR B 168 45.54 27.04 18.14
CA THR B 168 44.13 26.67 18.23
C THR B 168 43.75 26.46 19.69
N SER B 169 44.20 27.35 20.56
CA SER B 169 43.99 27.26 22.00
C SER B 169 43.16 28.44 22.50
N GLY B 170 42.09 28.77 21.79
CA GLY B 170 41.25 29.88 22.18
C GLY B 170 40.72 30.69 21.01
N VAL B 171 41.11 30.30 19.79
CA VAL B 171 40.61 31.00 18.60
C VAL B 171 39.09 30.89 18.56
N HIS B 172 38.43 32.03 18.43
CA HIS B 172 36.98 32.12 18.48
C HIS B 172 36.45 32.91 17.29
N THR B 173 36.92 32.53 16.09
CA THR B 173 36.41 33.13 14.86
C THR B 173 34.90 33.11 14.84
N PHE B 174 34.29 34.27 14.65
CA PHE B 174 32.85 34.40 14.68
C PHE B 174 32.26 34.30 13.29
N PRO B 175 30.96 34.06 13.17
CA PRO B 175 30.35 33.96 11.84
C PRO B 175 30.32 35.30 11.11
N ALA B 176 29.72 35.32 9.93
CA ALA B 176 29.67 36.51 9.12
C ALA B 176 28.43 37.34 9.45
N VAL B 177 28.41 38.55 8.91
CA VAL B 177 27.33 39.51 9.15
C VAL B 177 27.10 40.29 7.86
N LEU B 178 25.84 40.52 7.53
CA LEU B 178 25.46 41.22 6.30
C LEU B 178 25.13 42.66 6.64
N GLN B 179 26.10 43.55 6.43
CA GLN B 179 25.89 44.97 6.65
C GLN B 179 24.93 45.52 5.59
N SER B 180 24.60 46.81 5.74
CA SER B 180 23.77 47.46 4.72
C SER B 180 24.55 47.70 3.44
N SER B 181 25.88 47.81 3.54
CA SER B 181 26.70 47.96 2.34
C SER B 181 26.51 46.79 1.40
N GLY B 182 26.18 45.61 1.93
CA GLY B 182 25.96 44.41 1.14
C GLY B 182 27.04 43.37 1.28
N LEU B 183 28.22 43.74 1.78
CA LEU B 183 29.32 42.81 1.91
C LEU B 183 29.26 42.13 3.28
N TYR B 184 30.32 41.41 3.64
CA TYR B 184 30.37 40.63 4.87
C TYR B 184 31.57 41.02 5.71
N SER B 185 31.52 40.64 6.98
CA SER B 185 32.60 40.94 7.91
C SER B 185 32.59 39.92 9.03
N LEU B 186 33.73 39.78 9.69
CA LEU B 186 33.85 38.89 10.83
C LEU B 186 35.20 39.13 11.51
N SER B 187 35.20 39.07 12.84
CA SER B 187 36.41 39.17 13.63
C SER B 187 36.86 37.77 14.06
N SER B 188 38.14 37.67 14.38
CA SER B 188 38.72 36.43 14.90
C SER B 188 39.72 36.81 15.99
N VAL B 189 39.42 36.44 17.23
CA VAL B 189 40.20 36.84 18.39
C VAL B 189 40.78 35.60 19.06
N VAL B 190 41.73 35.84 19.96
CA VAL B 190 42.39 34.76 20.70
C VAL B 190 43.07 35.37 21.91
N THR B 191 43.21 34.56 22.96
CA THR B 191 43.82 34.98 24.22
C THR B 191 45.24 34.45 24.31
N VAL B 192 46.08 35.19 25.03
CA VAL B 192 47.51 34.88 25.13
C VAL B 192 48.00 35.27 26.52
N PRO B 193 49.05 34.66 27.04
CA PRO B 193 49.70 35.21 28.24
C PRO B 193 50.25 36.60 27.97
N SER B 194 49.84 37.55 28.80
CA SER B 194 50.21 38.95 28.60
C SER B 194 51.71 39.17 28.64
N SER B 195 52.49 38.19 29.07
CA SER B 195 53.94 38.33 29.14
C SER B 195 54.66 37.90 27.86
N SER B 196 53.95 37.26 26.94
CA SER B 196 54.54 36.78 25.69
C SER B 196 54.17 37.67 24.50
N LEU B 197 54.04 38.98 24.73
CA LEU B 197 53.62 39.88 23.67
C LEU B 197 54.79 40.30 22.79
N GLY B 198 55.80 40.94 23.38
CA GLY B 198 56.92 41.45 22.62
C GLY B 198 58.03 40.45 22.42
N THR B 199 57.69 39.15 22.43
CA THR B 199 58.67 38.11 22.21
C THR B 199 58.20 37.15 21.12
N GLN B 200 56.89 36.91 21.06
CA GLN B 200 56.30 35.99 20.10
C GLN B 200 55.46 36.77 19.10
N THR B 201 55.43 36.26 17.86
CA THR B 201 54.66 36.87 16.79
C THR B 201 53.37 36.11 16.57
N TYR B 202 52.28 36.85 16.34
CA TYR B 202 50.97 36.27 16.07
C TYR B 202 50.45 36.89 14.78
N ILE B 203 50.30 36.06 13.75
CA ILE B 203 49.91 36.53 12.43
C ILE B 203 48.69 35.74 11.97
N CYS B 204 47.66 36.46 11.55
CA CYS B 204 46.47 35.84 10.98
C CYS B 204 46.65 35.69 9.48
N ASN B 205 46.46 34.46 8.99
CA ASN B 205 46.52 34.14 7.57
C ASN B 205 45.10 33.93 7.07
N VAL B 206 44.74 34.65 6.00
CA VAL B 206 43.40 34.67 5.45
C VAL B 206 43.45 34.14 4.02
N ASN B 207 42.42 33.39 3.64
CA ASN B 207 42.30 32.83 2.30
C ASN B 207 40.87 32.95 1.83
N HIS B 208 40.72 33.43 0.60
CA HIS B 208 39.42 33.62 -0.05
C HIS B 208 39.50 33.02 -1.44
N LYS B 209 38.63 32.05 -1.73
CA LYS B 209 38.71 31.29 -2.97
C LYS B 209 38.15 32.06 -4.16
N PRO B 210 36.95 32.64 -4.05
CA PRO B 210 36.37 33.33 -5.21
C PRO B 210 37.28 34.38 -5.84
N SER B 211 38.33 34.80 -5.13
CA SER B 211 39.27 35.76 -5.65
C SER B 211 40.72 35.28 -5.58
N ASN B 212 40.97 34.05 -5.13
CA ASN B 212 42.32 33.51 -5.05
C ASN B 212 43.20 34.40 -4.17
N THR B 213 42.60 34.99 -3.14
CA THR B 213 43.29 35.94 -2.28
C THR B 213 43.93 35.20 -1.10
N LYS B 214 45.19 35.54 -0.83
CA LYS B 214 45.94 34.98 0.29
C LYS B 214 46.66 36.13 0.97
N VAL B 215 46.40 36.32 2.28
CA VAL B 215 46.93 37.45 3.01
C VAL B 215 47.48 36.98 4.34
N ASP B 216 48.46 37.71 4.85
CA ASP B 216 49.03 37.48 6.17
C ASP B 216 49.20 38.83 6.86
N LYS B 217 48.65 38.96 8.07
CA LYS B 217 48.69 40.22 8.80
C LYS B 217 49.11 39.98 10.23
N LYS B 218 50.10 40.75 10.68
CA LYS B 218 50.62 40.63 12.04
C LYS B 218 49.92 41.61 12.98
N VAL B 219 49.88 41.24 14.26
CA VAL B 219 49.28 42.05 15.30
C VAL B 219 50.35 42.38 16.32
N GLU B 220 50.63 43.66 16.50
CA GLU B 220 51.64 44.15 17.42
C GLU B 220 51.00 45.14 18.38
N PRO B 221 51.64 45.37 19.53
CA PRO B 221 51.10 46.37 20.47
C PRO B 221 50.97 47.73 19.81
N LYS B 222 49.96 48.48 20.24
CA LYS B 222 49.71 49.83 19.73
C LYS B 222 50.73 50.77 20.35
N SER B 223 51.92 50.81 19.75
CA SER B 223 52.98 51.68 20.25
C SER B 223 52.52 53.13 20.24
N CYS B 224 53.09 53.92 21.14
CA CYS B 224 52.76 55.33 21.25
C CYS B 224 53.96 56.21 20.90
N ASP C 1 -3.93 30.14 6.95
CA ASP C 1 -2.59 29.60 7.13
C ASP C 1 -2.33 29.34 8.60
N ILE C 2 -2.35 28.07 8.99
CA ILE C 2 -2.16 27.71 10.39
C ILE C 2 -0.74 28.08 10.82
N GLN C 3 -0.63 28.66 12.00
CA GLN C 3 0.65 29.05 12.59
C GLN C 3 0.97 28.13 13.75
N MET C 4 2.18 27.57 13.73
CA MET C 4 2.61 26.59 14.71
C MET C 4 3.69 27.21 15.58
N THR C 5 3.37 27.43 16.85
CA THR C 5 4.31 27.96 17.82
C THR C 5 4.89 26.84 18.66
N GLN C 6 6.06 27.10 19.25
CA GLN C 6 6.76 26.14 20.07
C GLN C 6 7.03 26.73 21.44
N SER C 7 7.55 25.89 22.32
CA SER C 7 7.93 26.35 23.65
C SER C 7 8.75 25.28 24.36
N PRO C 8 9.75 25.67 25.17
CA PRO C 8 10.19 27.05 25.39
C PRO C 8 11.13 27.54 24.29
N SER C 9 11.36 28.85 24.22
CA SER C 9 12.25 29.40 23.20
C SER C 9 13.62 28.75 23.24
N SER C 10 14.01 28.15 24.36
CA SER C 10 15.30 27.49 24.48
C SER C 10 15.31 26.71 25.79
N VAL C 11 16.27 25.81 25.92
CA VAL C 11 16.35 24.92 27.07
C VAL C 11 17.81 24.61 27.34
N SER C 12 18.17 24.60 28.61
CA SER C 12 19.47 24.13 29.09
C SER C 12 19.25 22.86 29.89
N ALA C 13 20.05 21.84 29.60
CA ALA C 13 19.83 20.52 30.18
C ALA C 13 21.16 19.83 30.41
N SER C 14 21.10 18.60 30.89
CA SER C 14 22.27 17.79 31.14
C SER C 14 21.99 16.36 30.72
N VAL C 15 23.03 15.53 30.72
CA VAL C 15 22.88 14.14 30.31
C VAL C 15 22.01 13.41 31.33
N GLY C 16 21.19 12.49 30.83
CA GLY C 16 20.28 11.73 31.67
C GLY C 16 19.05 12.47 32.10
N ASP C 17 19.01 13.79 31.97
CA ASP C 17 17.86 14.57 32.38
C ASP C 17 16.67 14.30 31.45
N ARG C 18 15.48 14.55 31.97
CA ARG C 18 14.25 14.38 31.22
C ARG C 18 13.83 15.73 30.65
N VAL C 19 13.72 15.81 29.33
CA VAL C 19 13.44 17.05 28.62
C VAL C 19 12.06 16.97 28.00
N THR C 20 11.31 18.07 28.07
CA THR C 20 9.98 18.16 27.49
C THR C 20 9.89 19.42 26.64
N ILE C 21 9.22 19.31 25.50
CA ILE C 21 9.09 20.40 24.55
C ILE C 21 7.65 20.45 24.06
N THR C 22 7.01 21.59 24.20
CA THR C 22 5.61 21.75 23.85
C THR C 22 5.45 22.44 22.51
N CYS C 23 4.38 22.09 21.80
CA CYS C 23 4.05 22.67 20.52
C CYS C 23 2.56 22.98 20.50
N ARG C 24 2.22 24.16 19.99
CA ARG C 24 0.84 24.63 19.96
C ARG C 24 0.51 25.12 18.56
N ALA C 25 -0.77 25.09 18.24
CA ALA C 25 -1.27 25.56 16.96
C ALA C 25 -2.34 26.62 17.18
N SER C 26 -2.96 27.07 16.09
CA SER C 26 -4.04 28.03 16.14
C SER C 26 -5.38 27.42 15.76
N GLN C 27 -5.38 26.34 14.99
CA GLN C 27 -6.57 25.59 14.63
C GLN C 27 -6.40 24.16 15.15
N GLY C 28 -7.32 23.30 14.75
CA GLY C 28 -7.31 21.93 15.24
C GLY C 28 -6.83 20.92 14.23
N ILE C 29 -5.60 20.43 14.42
CA ILE C 29 -5.06 19.32 13.65
C ILE C 29 -5.17 18.07 14.51
N SER C 30 -5.90 17.07 14.03
CA SER C 30 -6.26 15.94 14.86
C SER C 30 -5.01 15.23 15.38
N SER C 31 -4.27 14.58 14.47
CA SER C 31 -2.92 14.10 14.78
C SER C 31 -2.17 14.07 13.45
N TRP C 32 -1.51 15.18 13.13
CA TRP C 32 -0.79 15.31 11.87
C TRP C 32 0.51 16.07 12.08
N LEU C 33 1.11 15.92 13.26
CA LEU C 33 2.26 16.72 13.66
C LEU C 33 3.50 15.85 13.72
N ALA C 34 4.54 16.28 13.01
CA ALA C 34 5.81 15.58 12.96
C ALA C 34 6.89 16.43 13.59
N TRP C 35 7.97 15.77 14.01
CA TRP C 35 9.05 16.39 14.77
C TRP C 35 10.37 16.10 14.06
N TYR C 36 11.07 17.15 13.65
CA TYR C 36 12.35 17.03 13.00
C TYR C 36 13.45 17.58 13.90
N GLN C 37 14.66 17.08 13.67
CA GLN C 37 15.83 17.42 14.48
C GLN C 37 16.95 17.85 13.55
N GLN C 38 17.51 19.03 13.81
CA GLN C 38 18.56 19.61 12.98
C GLN C 38 19.74 20.01 13.85
N LYS C 39 20.93 19.69 13.37
CA LYS C 39 22.18 20.05 14.02
C LYS C 39 22.90 21.13 13.22
N PRO C 40 23.73 21.95 13.86
CA PRO C 40 24.44 23.00 13.12
C PRO C 40 25.31 22.41 12.03
N GLY C 41 25.01 22.79 10.79
CA GLY C 41 25.80 22.35 9.65
C GLY C 41 25.40 21.02 9.07
N LYS C 42 24.14 20.63 9.22
CA LYS C 42 23.66 19.36 8.69
C LYS C 42 22.22 19.57 8.23
N ALA C 43 21.54 18.47 7.92
CA ALA C 43 20.16 18.47 7.49
C ALA C 43 19.27 17.86 8.55
N PRO C 44 17.96 18.09 8.47
CA PRO C 44 17.06 17.53 9.49
C PRO C 44 17.07 16.02 9.50
N LYS C 45 16.40 15.46 10.50
CA LYS C 45 16.35 14.01 10.72
C LYS C 45 15.02 13.70 11.38
N LEU C 46 14.06 13.23 10.59
CA LEU C 46 12.73 12.93 11.10
C LEU C 46 12.80 12.01 12.30
N LEU C 47 11.99 12.31 13.32
CA LEU C 47 11.89 11.49 14.52
C LEU C 47 10.50 10.92 14.72
N ILE C 48 9.48 11.77 14.69
CA ILE C 48 8.13 11.40 15.08
C ILE C 48 7.16 11.83 14.00
N TYR C 49 6.20 10.96 13.69
CA TYR C 49 5.06 11.31 12.85
C TYR C 49 3.79 10.81 13.50
N ALA C 50 2.68 11.45 13.13
CA ALA C 50 1.37 11.25 13.74
C ALA C 50 1.32 11.70 15.19
N ALA C 51 2.40 12.31 15.69
CA ALA C 51 2.46 12.86 17.04
C ALA C 51 2.61 11.78 18.11
N SER C 52 2.50 10.52 17.69
CA SER C 52 2.67 9.39 18.61
C SER C 52 3.53 8.27 18.06
N SER C 53 3.71 8.17 16.75
CA SER C 53 4.47 7.09 16.16
C SER C 53 5.95 7.40 16.26
N LEU C 54 6.77 6.64 15.54
CA LEU C 54 8.21 6.81 15.60
C LEU C 54 8.82 6.21 14.34
N GLN C 55 9.85 6.87 13.83
CA GLN C 55 10.50 6.44 12.59
C GLN C 55 11.54 5.37 12.90
N SER C 56 11.69 4.42 11.99
CA SER C 56 12.67 3.35 12.16
C SER C 56 14.06 3.94 12.35
N GLY C 57 14.91 3.20 13.06
CA GLY C 57 16.26 3.65 13.32
C GLY C 57 16.35 4.76 14.33
N VAL C 58 15.31 4.99 15.12
CA VAL C 58 15.26 6.05 16.11
C VAL C 58 15.18 5.40 17.48
N PRO C 59 16.09 5.72 18.41
CA PRO C 59 16.00 5.14 19.76
C PRO C 59 14.65 5.37 20.41
N SER C 60 14.39 4.66 21.50
CA SER C 60 13.11 4.75 22.19
C SER C 60 13.05 5.92 23.19
N ARG C 61 14.18 6.53 23.51
CA ARG C 61 14.17 7.66 24.45
C ARG C 61 13.35 8.82 23.92
N PHE C 62 13.05 8.84 22.62
CA PHE C 62 12.22 9.87 22.04
C PHE C 62 10.76 9.44 22.09
N SER C 63 9.91 10.29 22.64
CA SER C 63 8.49 10.00 22.77
C SER C 63 7.68 11.21 22.34
N GLY C 64 6.48 10.96 21.85
CA GLY C 64 5.60 12.03 21.43
C GLY C 64 4.19 11.75 21.87
N SER C 65 3.46 12.83 22.18
CA SER C 65 2.10 12.70 22.68
C SER C 65 1.36 14.00 22.39
N GLY C 66 0.06 13.96 22.63
CA GLY C 66 -0.80 15.11 22.47
C GLY C 66 -1.72 14.96 21.26
N SER C 67 -2.57 15.96 21.09
CA SER C 67 -3.53 15.96 20.00
C SER C 67 -4.31 17.27 20.03
N GLY C 68 -4.99 17.55 18.92
CA GLY C 68 -5.77 18.75 18.82
C GLY C 68 -4.94 19.99 18.58
N THR C 69 -4.77 20.81 19.61
CA THR C 69 -4.00 22.05 19.52
C THR C 69 -2.91 22.08 20.57
N ASP C 70 -2.45 20.91 21.03
CA ASP C 70 -1.37 20.84 22.01
C ASP C 70 -0.67 19.51 21.84
N PHE C 71 0.64 19.57 21.59
CA PHE C 71 1.47 18.38 21.42
C PHE C 71 2.74 18.53 22.24
N THR C 72 3.43 17.42 22.45
CA THR C 72 4.59 17.41 23.31
C THR C 72 5.55 16.31 22.86
N LEU C 73 6.84 16.62 22.93
CA LEU C 73 7.91 15.67 22.69
C LEU C 73 8.74 15.55 23.95
N THR C 74 9.25 14.34 24.21
CA THR C 74 9.91 14.03 25.46
C THR C 74 11.17 13.22 25.17
N ILE C 75 12.23 13.54 25.90
CA ILE C 75 13.48 12.81 25.87
C ILE C 75 13.75 12.35 27.29
N SER C 76 13.58 11.05 27.54
CA SER C 76 13.75 10.51 28.88
C SER C 76 15.17 10.71 29.38
N SER C 77 16.14 10.09 28.71
CA SER C 77 17.55 10.15 29.09
C SER C 77 18.32 10.77 27.94
N LEU C 78 18.65 12.05 28.07
CA LEU C 78 19.42 12.73 27.04
C LEU C 78 20.77 12.04 26.83
N GLN C 79 21.39 12.35 25.71
CA GLN C 79 22.70 11.83 25.36
C GLN C 79 23.46 12.93 24.63
N PRO C 80 24.79 12.80 24.52
CA PRO C 80 25.55 13.86 23.83
C PRO C 80 25.14 14.07 22.39
N GLU C 81 24.44 13.12 21.79
CA GLU C 81 24.01 13.23 20.39
C GLU C 81 22.57 13.68 20.27
N ASP C 82 22.08 14.47 21.23
CA ASP C 82 20.72 14.99 21.21
C ASP C 82 20.65 16.49 21.42
N PHE C 83 21.77 17.15 21.65
CA PHE C 83 21.80 18.61 21.80
C PHE C 83 21.69 19.21 20.41
N ALA C 84 20.50 19.66 20.04
CA ALA C 84 20.23 20.13 18.68
C ALA C 84 19.00 21.03 18.72
N THR C 85 18.46 21.32 17.54
CA THR C 85 17.27 22.15 17.39
C THR C 85 16.12 21.28 16.90
N TYR C 86 14.93 21.49 17.46
CA TYR C 86 13.79 20.63 17.22
C TYR C 86 12.65 21.45 16.65
N TYR C 87 12.14 21.03 15.49
CA TYR C 87 11.09 21.73 14.77
C TYR C 87 9.84 20.86 14.70
N CYS C 88 8.69 21.52 14.67
CA CYS C 88 7.40 20.89 14.47
C CYS C 88 6.89 21.15 13.06
N GLN C 89 6.03 20.25 12.59
CA GLN C 89 5.43 20.42 11.28
C GLN C 89 4.00 19.90 11.31
N GLN C 90 3.06 20.72 10.86
CA GLN C 90 1.68 20.31 10.71
C GLN C 90 1.42 19.82 9.29
N ALA C 91 0.44 18.93 9.16
CA ALA C 91 0.09 18.36 7.86
C ALA C 91 -1.42 18.24 7.70
N ASN C 92 -2.18 19.13 8.33
CA ASN C 92 -3.64 19.03 8.25
C ASN C 92 -4.18 19.67 6.99
N SER C 93 -3.50 20.68 6.45
CA SER C 93 -4.01 21.41 5.31
C SER C 93 -2.86 22.18 4.67
N PHE C 94 -3.09 22.64 3.46
CA PHE C 94 -2.12 23.44 2.73
C PHE C 94 -2.42 24.91 2.90
N PRO C 95 -1.41 25.78 3.03
CA PRO C 95 0.01 25.47 3.01
C PRO C 95 0.53 25.00 4.36
N PHE C 96 1.57 24.17 4.35
CA PHE C 96 2.13 23.64 5.57
C PHE C 96 2.86 24.74 6.33
N SER C 97 3.45 24.36 7.46
CA SER C 97 4.06 25.33 8.36
C SER C 97 4.99 24.59 9.30
N PHE C 98 6.16 25.16 9.55
CA PHE C 98 7.08 24.67 10.55
C PHE C 98 6.94 25.52 11.80
N GLY C 99 7.76 25.22 12.80
CA GLY C 99 7.83 26.01 14.00
C GLY C 99 9.10 26.84 14.04
N PRO C 100 9.11 27.88 14.88
CA PRO C 100 10.29 28.74 14.95
C PRO C 100 11.52 28.02 15.48
N GLY C 101 11.34 26.97 16.27
CA GLY C 101 12.44 26.18 16.75
C GLY C 101 12.59 26.18 18.25
N THR C 102 13.17 25.12 18.79
CA THR C 102 13.40 24.99 20.23
C THR C 102 14.77 24.34 20.42
N LYS C 103 15.74 25.11 20.88
CA LYS C 103 17.10 24.64 21.04
C LYS C 103 17.29 23.96 22.39
N VAL C 104 18.30 23.10 22.45
CA VAL C 104 18.62 22.34 23.66
C VAL C 104 20.11 22.56 23.92
N ASP C 105 20.43 23.43 24.89
CA ASP C 105 21.80 23.75 25.20
C ASP C 105 22.35 22.76 26.22
N ILE C 106 23.52 23.06 26.78
CA ILE C 106 24.14 22.25 27.80
C ILE C 106 24.23 23.05 29.09
N LYS C 107 24.20 22.35 30.21
CA LYS C 107 24.20 22.97 31.53
C LYS C 107 25.61 23.00 32.10
N ARG C 108 25.89 24.03 32.89
CA ARG C 108 27.16 24.17 33.60
C ARG C 108 26.99 25.28 34.62
N THR C 109 28.07 25.56 35.35
CA THR C 109 28.05 26.64 36.32
C THR C 109 28.09 27.99 35.61
N VAL C 110 27.35 28.95 36.16
CA VAL C 110 27.30 30.28 35.56
C VAL C 110 28.70 30.88 35.59
N ALA C 111 29.26 31.11 34.41
CA ALA C 111 30.59 31.70 34.30
C ALA C 111 30.45 33.22 34.22
N ALA C 112 31.54 33.91 33.89
CA ALA C 112 31.56 35.35 33.76
C ALA C 112 32.33 35.73 32.50
N PRO C 113 31.84 36.67 31.72
CA PRO C 113 32.55 37.05 30.49
C PRO C 113 33.79 37.87 30.80
N SER C 114 34.94 37.40 30.32
CA SER C 114 36.20 38.14 30.41
C SER C 114 36.16 39.25 29.36
N VAL C 115 35.52 40.36 29.75
CA VAL C 115 35.20 41.42 28.79
C VAL C 115 36.47 42.14 28.36
N PHE C 116 36.55 42.46 27.07
CA PHE C 116 37.68 43.18 26.52
C PHE C 116 37.17 44.19 25.50
N ILE C 117 38.07 45.07 25.05
CA ILE C 117 37.73 46.11 24.09
C ILE C 117 38.85 46.24 23.06
N PHE C 118 38.48 46.70 21.87
CA PHE C 118 39.41 46.86 20.76
C PHE C 118 39.05 48.12 19.97
N PRO C 119 39.97 49.07 19.83
CA PRO C 119 39.61 50.35 19.20
C PRO C 119 39.84 50.31 17.70
N PRO C 120 39.28 51.26 16.97
CA PRO C 120 39.60 51.36 15.54
C PRO C 120 41.09 51.61 15.33
N SER C 121 41.69 50.77 14.48
CA SER C 121 43.10 50.93 14.16
C SER C 121 43.26 52.08 13.16
N ASP C 122 44.46 52.25 12.62
CA ASP C 122 44.71 53.34 11.70
C ASP C 122 44.15 53.05 10.31
N GLU C 123 44.41 51.85 9.79
CA GLU C 123 43.97 51.52 8.44
C GLU C 123 42.48 51.73 8.27
N GLN C 124 41.70 51.42 9.31
CA GLN C 124 40.26 51.64 9.23
C GLN C 124 39.95 53.10 8.93
N LEU C 125 40.74 54.02 9.50
CA LEU C 125 40.54 55.44 9.22
C LEU C 125 41.17 55.84 7.89
N LYS C 126 42.35 55.29 7.59
CA LYS C 126 42.99 55.55 6.31
C LYS C 126 42.03 55.26 5.16
N SER C 127 41.25 54.20 5.27
CA SER C 127 40.25 53.91 4.24
C SER C 127 39.08 54.89 4.33
N GLY C 128 38.71 55.30 5.54
CA GLY C 128 37.68 56.30 5.72
C GLY C 128 36.53 55.86 6.60
N THR C 129 36.75 54.84 7.43
CA THR C 129 35.73 54.32 8.33
C THR C 129 36.33 54.13 9.72
N ALA C 130 35.54 53.57 10.63
CA ALA C 130 36.00 53.26 11.97
C ALA C 130 35.18 52.11 12.52
N SER C 131 35.85 51.13 13.12
CA SER C 131 35.20 49.94 13.66
C SER C 131 35.76 49.66 15.06
N VAL C 132 35.01 50.07 16.09
CA VAL C 132 35.35 49.71 17.46
C VAL C 132 34.66 48.40 17.79
N VAL C 133 35.12 47.73 18.85
CA VAL C 133 34.60 46.41 19.18
C VAL C 133 34.71 46.19 20.67
N CYS C 134 33.71 45.50 21.23
CA CYS C 134 33.78 44.96 22.57
C CYS C 134 33.52 43.46 22.52
N LEU C 135 34.04 42.76 23.52
CA LEU C 135 34.12 41.31 23.48
C LEU C 135 33.75 40.73 24.84
N LEU C 136 33.00 39.63 24.83
CA LEU C 136 32.65 38.89 26.04
C LEU C 136 32.87 37.41 25.75
N ASN C 137 33.95 36.86 26.29
CA ASN C 137 34.38 35.50 25.97
C ASN C 137 34.29 34.61 27.20
N ASN C 138 34.16 33.30 26.96
CA ASN C 138 34.20 32.29 28.02
C ASN C 138 33.16 32.59 29.09
N PHE C 139 31.90 32.57 28.67
CA PHE C 139 30.79 32.90 29.55
C PHE C 139 29.64 31.92 29.33
N TYR C 140 28.66 32.01 30.23
CA TYR C 140 27.45 31.20 30.19
C TYR C 140 26.49 31.75 31.23
N PRO C 141 25.17 31.77 30.97
CA PRO C 141 24.43 31.29 29.79
C PRO C 141 24.63 32.16 28.55
N ARG C 142 23.79 31.93 27.55
CA ARG C 142 23.87 32.65 26.29
C ARG C 142 23.21 34.02 26.34
N GLU C 143 22.45 34.32 27.39
CA GLU C 143 21.76 35.60 27.50
C GLU C 143 22.72 36.65 28.03
N ALA C 144 22.87 37.74 27.28
CA ALA C 144 23.76 38.82 27.67
C ALA C 144 23.56 39.98 26.71
N LYS C 145 23.74 41.20 27.20
CA LYS C 145 23.57 42.41 26.41
C LYS C 145 24.84 43.24 26.42
N VAL C 146 25.11 43.89 25.29
CA VAL C 146 26.26 44.78 25.14
C VAL C 146 25.73 46.15 24.74
N GLN C 147 25.77 47.09 25.67
CA GLN C 147 25.32 48.45 25.44
C GLN C 147 26.49 49.30 24.95
N TRP C 148 26.20 50.17 23.99
CA TRP C 148 27.19 51.07 23.40
C TRP C 148 26.83 52.50 23.76
N LYS C 149 27.83 53.29 24.17
CA LYS C 149 27.61 54.68 24.54
C LYS C 149 28.77 55.52 24.02
N VAL C 150 28.49 56.40 23.08
CA VAL C 150 29.50 57.32 22.56
C VAL C 150 29.40 58.62 23.31
N ASP C 151 30.55 59.17 23.71
CA ASP C 151 30.60 60.37 24.53
C ASP C 151 29.76 60.21 25.79
N ASN C 152 29.75 59.00 26.33
CA ASN C 152 28.96 58.68 27.51
C ASN C 152 27.47 58.88 27.26
N ALA C 153 27.03 58.56 26.04
CA ALA C 153 25.64 58.66 25.66
C ALA C 153 25.28 57.47 24.78
N LEU C 154 24.18 56.81 25.10
CA LEU C 154 23.78 55.62 24.36
C LEU C 154 23.63 55.93 22.88
N GLN C 155 24.11 55.02 22.04
CA GLN C 155 24.00 55.14 20.59
C GLN C 155 23.69 53.77 20.01
N SER C 156 22.64 53.70 19.20
CA SER C 156 22.16 52.45 18.62
C SER C 156 21.96 52.65 17.11
N GLY C 157 21.55 51.58 16.44
CA GLY C 157 21.28 51.60 15.02
C GLY C 157 22.50 51.44 14.14
N ASN C 158 23.70 51.36 14.72
CA ASN C 158 24.93 51.21 13.96
C ASN C 158 25.84 50.18 14.63
N SER C 159 25.25 49.13 15.18
CA SER C 159 25.98 48.10 15.90
C SER C 159 25.56 46.72 15.42
N GLN C 160 26.47 45.76 15.57
CA GLN C 160 26.22 44.38 15.18
C GLN C 160 26.73 43.45 16.26
N GLU C 161 26.14 42.26 16.35
CA GLU C 161 26.51 41.27 17.35
C GLU C 161 26.71 39.91 16.68
N SER C 162 27.71 39.17 17.14
CA SER C 162 27.97 37.84 16.62
C SER C 162 28.44 36.92 17.74
N VAL C 163 27.85 35.73 17.81
CA VAL C 163 28.20 34.71 18.79
C VAL C 163 28.46 33.41 18.06
N THR C 164 29.40 32.61 18.58
CA THR C 164 29.88 31.46 17.81
C THR C 164 28.97 30.24 17.97
N GLU C 165 28.98 29.64 19.16
CA GLU C 165 28.23 28.42 19.44
C GLU C 165 28.56 28.01 20.86
N GLN C 166 27.89 26.97 21.34
CA GLN C 166 28.25 26.33 22.60
C GLN C 166 29.57 25.61 22.41
N ASP C 167 30.65 26.20 22.95
CA ASP C 167 31.98 25.64 22.75
C ASP C 167 32.04 24.20 23.26
N SER C 168 32.92 23.43 22.64
CA SER C 168 33.05 22.00 22.93
C SER C 168 34.12 21.69 23.97
N LYS C 169 34.87 22.69 24.44
CA LYS C 169 35.84 22.44 25.50
C LYS C 169 35.15 22.33 26.85
N ASP C 170 34.54 23.42 27.32
CA ASP C 170 33.61 23.34 28.44
C ASP C 170 32.50 24.36 28.22
N SER C 171 31.47 23.94 27.49
CA SER C 171 30.17 24.61 27.47
C SER C 171 30.25 26.12 27.60
N THR C 172 31.13 26.76 26.85
CA THR C 172 31.31 28.20 26.91
C THR C 172 30.81 28.85 25.62
N TYR C 173 30.67 30.17 25.68
CA TYR C 173 30.25 30.98 24.54
C TYR C 173 31.26 32.10 24.32
N SER C 174 30.98 32.93 23.32
CA SER C 174 31.79 34.09 23.03
C SER C 174 31.04 35.01 22.10
N LEU C 175 30.93 36.28 22.46
CA LEU C 175 30.16 37.26 21.71
C LEU C 175 31.03 38.49 21.42
N SER C 176 30.87 39.02 20.22
CA SER C 176 31.57 40.22 19.79
C SER C 176 30.54 41.23 19.29
N SER C 177 30.62 42.45 19.81
CA SER C 177 29.73 43.53 19.42
C SER C 177 30.57 44.60 18.75
N THR C 178 30.23 44.93 17.52
CA THR C 178 31.00 45.86 16.70
C THR C 178 30.20 47.13 16.49
N LEU C 179 30.90 48.27 16.61
CA LEU C 179 30.33 49.60 16.43
C LEU C 179 31.05 50.23 15.24
N THR C 180 30.32 50.43 14.15
CA THR C 180 30.87 50.93 12.90
C THR C 180 30.37 52.33 12.65
N LEU C 181 31.28 53.23 12.28
CA LEU C 181 30.94 54.63 12.08
C LEU C 181 31.86 55.23 11.02
N SER C 182 31.53 56.45 10.62
CA SER C 182 32.34 57.20 9.67
C SER C 182 33.40 57.99 10.42
N LYS C 183 34.53 58.21 9.74
CA LYS C 183 35.63 58.95 10.35
C LYS C 183 35.17 60.30 10.87
N ALA C 184 34.25 60.95 10.16
CA ALA C 184 33.78 62.27 10.56
C ALA C 184 33.03 62.21 11.89
N ASP C 185 31.93 61.46 11.92
CA ASP C 185 31.15 61.34 13.15
C ASP C 185 31.95 60.69 14.27
N TYR C 186 33.07 60.05 13.95
CA TYR C 186 33.91 59.44 14.96
C TYR C 186 34.84 60.47 15.60
N GLU C 187 35.48 61.30 14.78
CA GLU C 187 36.42 62.31 15.26
C GLU C 187 35.72 63.49 15.94
N LYS C 188 34.41 63.44 16.17
CA LYS C 188 33.72 64.51 16.86
C LYS C 188 33.61 64.29 18.36
N HIS C 189 33.69 63.04 18.81
CA HIS C 189 33.59 62.70 20.22
C HIS C 189 34.81 61.88 20.63
N LYS C 190 35.01 61.75 21.94
CA LYS C 190 36.20 61.13 22.49
C LYS C 190 35.92 59.81 23.21
N VAL C 191 35.01 59.81 24.17
CA VAL C 191 34.79 58.64 25.02
C VAL C 191 33.77 57.72 24.36
N TYR C 192 34.22 56.52 24.00
CA TYR C 192 33.34 55.49 23.46
C TYR C 192 33.43 54.27 24.37
N ALA C 193 32.30 53.83 24.90
CA ALA C 193 32.26 52.82 25.94
C ALA C 193 31.32 51.69 25.57
N CYS C 194 31.66 50.48 26.04
CA CYS C 194 30.80 49.31 25.93
C CYS C 194 30.58 48.76 27.33
N GLU C 195 29.32 48.49 27.65
CA GLU C 195 28.92 47.97 28.95
C GLU C 195 28.28 46.60 28.77
N VAL C 196 28.46 45.74 29.76
CA VAL C 196 28.00 44.36 29.69
C VAL C 196 26.86 44.17 30.67
N THR C 197 25.94 43.27 30.30
CA THR C 197 24.81 42.90 31.16
C THR C 197 24.65 41.39 31.11
N HIS C 198 24.82 40.74 32.25
CA HIS C 198 24.81 39.29 32.34
C HIS C 198 24.20 38.87 33.67
N GLN C 199 23.89 37.58 33.78
CA GLN C 199 23.33 37.04 35.01
C GLN C 199 24.41 36.86 36.07
N GLY C 200 25.44 36.06 35.77
CA GLY C 200 26.52 35.85 36.70
C GLY C 200 27.29 37.11 37.04
N LEU C 201 27.19 38.14 36.19
CA LEU C 201 27.87 39.39 36.45
C LEU C 201 27.49 39.94 37.82
N SER C 202 28.49 40.14 38.69
CA SER C 202 28.22 40.77 39.98
C SER C 202 27.55 42.13 39.79
N SER C 203 28.06 42.93 38.87
CA SER C 203 27.46 44.19 38.49
C SER C 203 27.94 44.55 37.09
N PRO C 204 27.17 45.36 36.35
CA PRO C 204 27.60 45.73 35.00
C PRO C 204 29.03 46.23 34.97
N VAL C 205 29.72 45.94 33.88
CA VAL C 205 31.14 46.27 33.71
C VAL C 205 31.27 47.11 32.46
N THR C 206 31.62 48.39 32.62
CA THR C 206 31.77 49.33 31.52
C THR C 206 33.24 49.54 31.23
N LYS C 207 33.62 49.43 29.96
CA LYS C 207 34.99 49.67 29.53
C LYS C 207 34.96 50.61 28.34
N SER C 208 35.77 51.66 28.40
CA SER C 208 35.71 52.74 27.43
C SER C 208 37.10 53.09 26.93
N PHE C 209 37.12 53.88 25.86
CA PHE C 209 38.35 54.38 25.27
C PHE C 209 38.14 55.82 24.85
N ASN C 210 39.13 56.66 25.15
CA ASN C 210 39.15 58.02 24.68
C ASN C 210 39.81 58.09 23.32
N ARG C 211 39.27 58.94 22.45
CA ARG C 211 39.78 59.06 21.08
C ARG C 211 41.19 59.60 21.14
N GLY C 212 42.17 58.75 20.82
CA GLY C 212 43.57 59.08 20.96
C GLY C 212 44.21 58.54 22.23
N GLU C 213 43.48 57.78 23.03
CA GLU C 213 44.02 57.20 24.25
C GLU C 213 44.95 56.04 23.91
N CYS C 214 46.24 56.33 23.80
CA CYS C 214 47.23 55.32 23.45
C CYS C 214 47.79 54.64 24.69
N GLU D 1 -24.20 -27.18 17.96
CA GLU D 1 -24.22 -27.82 16.65
C GLU D 1 -25.40 -27.33 15.83
N VAL D 2 -25.28 -27.43 14.51
CA VAL D 2 -26.33 -27.00 13.59
C VAL D 2 -26.40 -27.99 12.45
N GLN D 3 -27.60 -28.13 11.89
CA GLN D 3 -27.86 -29.02 10.76
C GLN D 3 -28.57 -28.23 9.68
N LEU D 4 -28.22 -28.52 8.42
CA LEU D 4 -28.78 -27.83 7.26
C LEU D 4 -29.22 -28.87 6.25
N GLN D 5 -30.50 -28.85 5.89
CA GLN D 5 -31.07 -29.80 4.95
C GLN D 5 -31.40 -29.07 3.66
N GLN D 6 -30.91 -29.60 2.54
CA GLN D 6 -31.12 -29.02 1.23
C GLN D 6 -32.20 -29.78 0.48
N TRP D 7 -32.88 -29.07 -0.42
CA TRP D 7 -33.69 -29.72 -1.44
C TRP D 7 -33.92 -28.73 -2.57
N GLY D 8 -34.42 -29.26 -3.67
CA GLY D 8 -34.66 -28.46 -4.86
C GLY D 8 -34.63 -29.34 -6.09
N ALA D 9 -34.96 -28.71 -7.21
CA ALA D 9 -35.00 -29.43 -8.48
C ALA D 9 -33.60 -29.72 -8.96
N GLY D 10 -33.45 -30.86 -9.62
CA GLY D 10 -32.19 -31.27 -10.18
C GLY D 10 -32.17 -30.98 -11.67
N LEU D 11 -32.48 -32.00 -12.47
CA LEU D 11 -32.59 -31.80 -13.91
C LEU D 11 -33.43 -30.57 -14.21
N LEU D 12 -33.11 -29.91 -15.31
CA LEU D 12 -33.76 -28.67 -15.71
C LEU D 12 -33.61 -28.50 -17.22
N LYS D 13 -34.04 -27.36 -17.72
CA LYS D 13 -33.95 -27.02 -19.12
C LYS D 13 -33.53 -25.57 -19.25
N PRO D 14 -32.84 -25.21 -20.34
CA PRO D 14 -32.45 -23.81 -20.53
C PRO D 14 -33.67 -22.89 -20.57
N SER D 15 -33.41 -21.61 -20.32
CA SER D 15 -34.42 -20.56 -20.24
C SER D 15 -35.35 -20.73 -19.05
N GLU D 16 -35.16 -21.77 -18.24
CA GLU D 16 -36.02 -22.03 -17.09
C GLU D 16 -35.43 -21.37 -15.86
N THR D 17 -35.93 -21.74 -14.69
CA THR D 17 -35.50 -21.17 -13.42
C THR D 17 -35.14 -22.29 -12.46
N LEU D 18 -34.06 -22.08 -11.70
CA LEU D 18 -33.58 -23.05 -10.73
C LEU D 18 -33.91 -22.56 -9.33
N SER D 19 -34.73 -23.32 -8.61
CA SER D 19 -35.13 -23.00 -7.26
C SER D 19 -34.54 -24.00 -6.28
N LEU D 20 -34.05 -23.50 -5.15
CA LEU D 20 -33.47 -24.35 -4.12
C LEU D 20 -33.87 -23.83 -2.76
N THR D 21 -33.97 -24.74 -1.79
CA THR D 21 -34.33 -24.41 -0.42
C THR D 21 -33.38 -25.09 0.55
N CYS D 22 -32.99 -24.35 1.60
CA CYS D 22 -32.21 -24.89 2.70
C CYS D 22 -32.93 -24.58 4.00
N ALA D 23 -33.03 -25.59 4.85
CA ALA D 23 -33.70 -25.48 6.14
C ALA D 23 -32.70 -25.69 7.26
N VAL D 24 -32.88 -24.94 8.34
CA VAL D 24 -31.95 -24.87 9.45
C VAL D 24 -32.58 -25.53 10.67
N TYR D 25 -31.81 -26.40 11.33
CA TYR D 25 -32.27 -27.08 12.54
C TYR D 25 -31.11 -27.18 13.50
N GLY D 26 -31.17 -26.45 14.62
CA GLY D 26 -30.18 -26.62 15.67
C GLY D 26 -29.77 -25.35 16.39
N GLU D 27 -30.21 -24.20 15.92
CA GLU D 27 -29.87 -22.94 16.56
C GLU D 27 -30.79 -21.84 16.03
N SER D 28 -30.49 -20.61 16.39
CA SER D 28 -31.32 -19.47 16.03
C SER D 28 -31.16 -19.14 14.55
N PHE D 29 -32.28 -18.78 13.91
CA PHE D 29 -32.27 -18.37 12.52
C PHE D 29 -32.12 -16.87 12.34
N SER D 30 -32.17 -16.11 13.42
CA SER D 30 -32.01 -14.66 13.37
C SER D 30 -30.66 -14.28 13.97
N GLY D 31 -30.09 -13.19 13.45
CA GLY D 31 -28.81 -12.70 13.90
C GLY D 31 -27.65 -13.10 13.02
N TYR D 32 -27.86 -14.01 12.08
CA TYR D 32 -26.81 -14.46 11.17
C TYR D 32 -27.22 -14.21 9.73
N TYR D 33 -26.24 -14.30 8.84
CA TYR D 33 -26.44 -14.22 7.40
C TYR D 33 -26.26 -15.61 6.82
N TRP D 34 -27.21 -16.03 6.00
CA TRP D 34 -27.21 -17.36 5.41
C TRP D 34 -26.91 -17.25 3.93
N SER D 35 -25.88 -17.97 3.49
CA SER D 35 -25.25 -17.77 2.20
C SER D 35 -25.46 -18.99 1.30
N TRP D 36 -25.32 -18.73 0.00
CA TRP D 36 -25.37 -19.77 -1.02
C TRP D 36 -24.05 -19.76 -1.77
N ILE D 37 -23.48 -20.95 -1.96
CA ILE D 37 -22.18 -21.11 -2.60
C ILE D 37 -22.31 -22.15 -3.70
N ARG D 38 -21.45 -22.04 -4.71
CA ARG D 38 -21.54 -22.86 -5.90
C ARG D 38 -20.17 -23.42 -6.24
N GLN D 39 -20.16 -24.65 -6.75
CA GLN D 39 -18.94 -25.35 -7.11
C GLN D 39 -19.13 -26.03 -8.46
N SER D 40 -18.30 -25.65 -9.42
CA SER D 40 -18.31 -26.22 -10.75
C SER D 40 -16.88 -26.57 -11.16
N PRO D 41 -16.68 -27.67 -11.89
CA PRO D 41 -15.32 -28.00 -12.34
C PRO D 41 -14.84 -27.07 -13.42
N GLY D 42 -13.92 -26.17 -13.08
CA GLY D 42 -13.43 -25.17 -14.01
C GLY D 42 -13.49 -23.78 -13.43
N LYS D 43 -14.52 -23.51 -12.63
CA LYS D 43 -14.68 -22.24 -11.95
C LYS D 43 -14.48 -22.33 -10.45
N GLY D 44 -14.19 -23.52 -9.92
CA GLY D 44 -13.94 -23.68 -8.50
C GLY D 44 -15.08 -23.16 -7.65
N LEU D 45 -14.78 -22.90 -6.38
CA LEU D 45 -15.77 -22.42 -5.44
C LEU D 45 -16.15 -20.98 -5.78
N GLU D 46 -17.46 -20.74 -5.87
CA GLU D 46 -17.99 -19.43 -6.19
C GLU D 46 -19.04 -19.04 -5.17
N TRP D 47 -19.19 -17.74 -4.97
CA TRP D 47 -20.12 -17.17 -4.02
C TRP D 47 -21.22 -16.42 -4.75
N ILE D 48 -22.47 -16.65 -4.34
CA ILE D 48 -23.63 -16.12 -5.03
C ILE D 48 -24.28 -15.00 -4.22
N GLY D 49 -24.57 -15.25 -2.95
CA GLY D 49 -25.18 -14.23 -2.14
C GLY D 49 -25.45 -14.72 -0.73
N GLN D 50 -26.04 -13.84 0.05
CA GLN D 50 -26.42 -14.14 1.42
C GLN D 50 -27.60 -13.28 1.82
N ILE D 51 -28.50 -13.85 2.63
CA ILE D 51 -29.73 -13.20 3.04
C ILE D 51 -29.83 -13.25 4.56
N ASN D 52 -30.61 -12.31 5.10
CA ASN D 52 -30.84 -12.15 6.53
C ASN D 52 -32.24 -12.60 6.89
N HIS D 53 -32.59 -12.43 8.16
CA HIS D 53 -33.93 -12.73 8.66
C HIS D 53 -34.92 -11.61 8.38
N SER D 54 -34.53 -10.60 7.60
CA SER D 54 -35.41 -9.48 7.31
C SER D 54 -35.33 -9.07 5.84
N GLY D 55 -34.94 -10.00 4.97
CA GLY D 55 -34.93 -9.75 3.55
C GLY D 55 -33.74 -8.96 3.04
N ASN D 56 -32.75 -8.70 3.89
CA ASN D 56 -31.57 -7.95 3.46
C ASN D 56 -30.62 -8.89 2.74
N THR D 57 -30.31 -8.58 1.49
CA THR D 57 -29.55 -9.45 0.62
C THR D 57 -28.26 -8.78 0.18
N ASN D 58 -27.17 -9.55 0.18
CA ASN D 58 -25.90 -9.15 -0.42
C ASN D 58 -25.61 -10.13 -1.54
N TYR D 59 -25.55 -9.63 -2.77
CA TYR D 59 -25.36 -10.46 -3.96
C TYR D 59 -23.94 -10.31 -4.48
N ASN D 60 -23.65 -11.06 -5.53
CA ASN D 60 -22.38 -10.96 -6.25
C ASN D 60 -22.61 -10.19 -7.55
N PRO D 61 -21.87 -9.10 -7.81
CA PRO D 61 -22.16 -8.30 -9.00
C PRO D 61 -22.21 -9.11 -10.29
N SER D 62 -21.50 -10.23 -10.36
CA SER D 62 -21.53 -11.06 -11.56
C SER D 62 -22.85 -11.75 -11.77
N LEU D 63 -23.73 -11.79 -10.76
CA LEU D 63 -25.02 -12.45 -10.88
C LEU D 63 -26.15 -11.63 -10.27
N LYS D 64 -25.92 -10.36 -9.95
CA LYS D 64 -26.96 -9.55 -9.33
C LYS D 64 -28.23 -9.48 -10.16
N SER D 65 -28.14 -9.71 -11.46
CA SER D 65 -29.30 -9.59 -12.33
C SER D 65 -30.19 -10.82 -12.26
N ARG D 66 -29.60 -12.01 -12.17
CA ARG D 66 -30.34 -13.26 -12.24
C ARG D 66 -30.70 -13.83 -10.87
N VAL D 67 -30.02 -13.43 -9.82
CA VAL D 67 -30.15 -14.06 -8.52
C VAL D 67 -31.27 -13.41 -7.74
N THR D 68 -32.06 -14.23 -7.05
CA THR D 68 -33.12 -13.76 -6.19
C THR D 68 -33.15 -14.67 -4.97
N MET D 69 -33.56 -14.10 -3.83
CA MET D 69 -33.56 -14.83 -2.58
C MET D 69 -34.88 -14.67 -1.85
N SER D 70 -35.15 -15.59 -0.93
CA SER D 70 -36.33 -15.53 -0.09
C SER D 70 -36.00 -16.15 1.25
N VAL D 71 -36.76 -15.75 2.27
CA VAL D 71 -36.54 -16.20 3.64
C VAL D 71 -37.90 -16.33 4.32
N ASP D 72 -38.10 -17.45 5.02
CA ASP D 72 -39.31 -17.70 5.79
C ASP D 72 -38.89 -18.05 7.21
N THR D 73 -39.17 -17.14 8.14
CA THR D 73 -38.80 -17.34 9.54
C THR D 73 -39.74 -18.30 10.25
N SER D 74 -40.92 -18.53 9.70
CA SER D 74 -41.85 -19.46 10.34
C SER D 74 -41.28 -20.87 10.37
N LYS D 75 -40.91 -21.39 9.21
CA LYS D 75 -40.32 -22.72 9.10
C LYS D 75 -38.80 -22.68 9.14
N ASN D 76 -38.20 -21.52 9.30
CA ASN D 76 -36.74 -21.37 9.35
C ASN D 76 -36.09 -21.94 8.08
N GLN D 77 -36.43 -21.31 6.96
CA GLN D 77 -35.91 -21.71 5.67
C GLN D 77 -35.46 -20.49 4.88
N PHE D 78 -34.50 -20.71 3.98
CA PHE D 78 -34.16 -19.71 2.98
C PHE D 78 -34.08 -20.41 1.62
N SER D 79 -34.17 -19.61 0.56
CA SER D 79 -34.34 -20.15 -0.78
C SER D 79 -33.69 -19.24 -1.80
N LEU D 80 -33.21 -19.87 -2.87
CA LEU D 80 -32.55 -19.22 -3.98
C LEU D 80 -33.32 -19.49 -5.27
N LYS D 81 -33.38 -18.47 -6.13
CA LYS D 81 -33.94 -18.56 -7.46
C LYS D 81 -32.94 -17.98 -8.44
N LEU D 82 -32.50 -18.79 -9.40
CA LEU D 82 -31.57 -18.36 -10.43
C LEU D 82 -32.26 -18.47 -11.77
N SER D 83 -32.36 -17.36 -12.48
CA SER D 83 -33.14 -17.28 -13.71
C SER D 83 -32.24 -17.42 -14.94
N SER D 84 -32.89 -17.64 -16.08
CA SER D 84 -32.22 -17.78 -17.37
C SER D 84 -30.97 -18.66 -17.25
N VAL D 85 -31.20 -19.91 -16.84
CA VAL D 85 -30.09 -20.83 -16.63
C VAL D 85 -29.62 -21.38 -17.96
N THR D 86 -28.42 -21.96 -17.94
CA THR D 86 -27.80 -22.56 -19.12
C THR D 86 -27.07 -23.82 -18.66
N ALA D 87 -26.23 -24.35 -19.55
CA ALA D 87 -25.37 -25.46 -19.18
C ALA D 87 -24.15 -25.02 -18.38
N ALA D 88 -23.96 -23.71 -18.20
CA ALA D 88 -22.88 -23.22 -17.36
C ALA D 88 -23.27 -23.16 -15.90
N ASP D 89 -24.56 -23.06 -15.60
CA ASP D 89 -25.05 -23.10 -14.23
C ASP D 89 -25.17 -24.52 -13.69
N THR D 90 -24.69 -25.50 -14.42
CA THR D 90 -24.68 -26.87 -13.93
C THR D 90 -23.56 -27.03 -12.90
N ALA D 91 -23.93 -27.38 -11.68
CA ALA D 91 -22.96 -27.33 -10.59
C ALA D 91 -23.54 -27.85 -9.27
N VAL D 92 -22.71 -27.95 -8.25
CA VAL D 92 -23.13 -28.35 -6.92
C VAL D 92 -23.36 -27.09 -6.10
N TYR D 93 -24.55 -26.97 -5.52
CA TYR D 93 -24.93 -25.80 -4.75
C TYR D 93 -24.99 -26.17 -3.27
N TYR D 94 -24.34 -25.35 -2.45
CA TYR D 94 -24.29 -25.52 -1.01
C TYR D 94 -24.98 -24.36 -0.34
N CYS D 95 -25.63 -24.63 0.79
CA CYS D 95 -26.13 -23.60 1.69
C CYS D 95 -25.24 -23.59 2.93
N ALA D 96 -24.86 -22.39 3.36
CA ALA D 96 -23.90 -22.24 4.44
C ALA D 96 -24.34 -21.10 5.34
N ARG D 97 -23.69 -21.02 6.50
CA ARG D 97 -23.86 -19.87 7.36
C ARG D 97 -22.83 -18.81 6.97
N GLU D 98 -23.08 -17.59 7.41
CA GLU D 98 -22.24 -16.45 7.07
C GLU D 98 -20.77 -16.83 7.15
N LEU D 99 -20.06 -16.70 6.03
CA LEU D 99 -18.64 -17.01 6.05
C LEU D 99 -18.45 -18.46 6.48
N GLY D 100 -18.73 -19.40 5.59
CA GLY D 100 -18.99 -20.80 5.93
C GLY D 100 -17.99 -21.49 6.81
N HIS D 101 -17.01 -20.76 7.32
CA HIS D 101 -16.03 -21.26 8.28
C HIS D 101 -16.62 -22.24 9.29
N ASP D 102 -17.88 -22.03 9.68
CA ASP D 102 -18.47 -22.83 10.75
C ASP D 102 -19.22 -24.06 10.23
N TYR D 103 -20.25 -23.86 9.42
CA TYR D 103 -21.13 -24.95 9.04
C TYR D 103 -21.59 -24.81 7.59
N TRP D 104 -21.65 -25.93 6.90
CA TRP D 104 -22.08 -26.00 5.51
C TRP D 104 -23.22 -27.02 5.40
N GLY D 105 -23.79 -27.09 4.20
CA GLY D 105 -24.81 -28.06 3.91
C GLY D 105 -24.23 -29.40 3.52
N GLN D 106 -24.81 -30.04 2.51
CA GLN D 106 -24.34 -31.34 2.04
C GLN D 106 -24.11 -31.32 0.54
N GLY D 107 -24.89 -30.52 -0.17
CA GLY D 107 -24.71 -30.38 -1.61
C GLY D 107 -25.92 -30.83 -2.40
N THR D 108 -26.37 -29.95 -3.29
CA THR D 108 -27.45 -30.25 -4.23
C THR D 108 -26.89 -30.11 -5.64
N LEU D 109 -26.82 -31.22 -6.36
CA LEU D 109 -26.26 -31.25 -7.71
C LEU D 109 -27.34 -30.86 -8.71
N VAL D 110 -27.21 -29.68 -9.30
CA VAL D 110 -28.16 -29.19 -10.28
C VAL D 110 -27.55 -29.33 -11.66
N THR D 111 -28.28 -29.99 -12.56
CA THR D 111 -27.85 -30.24 -13.92
C THR D 111 -28.83 -29.57 -14.87
N VAL D 112 -28.30 -29.11 -16.01
CA VAL D 112 -29.08 -28.39 -17.01
C VAL D 112 -28.83 -29.04 -18.36
N SER D 113 -29.91 -29.42 -19.03
CA SER D 113 -29.80 -30.05 -20.35
C SER D 113 -31.17 -30.04 -21.01
N SER D 114 -31.19 -29.70 -22.29
CA SER D 114 -32.43 -29.66 -23.07
C SER D 114 -32.91 -31.05 -23.46
N ALA D 115 -32.18 -32.09 -23.12
CA ALA D 115 -32.50 -33.44 -23.57
C ALA D 115 -33.64 -34.01 -22.74
N SER D 116 -33.94 -35.30 -22.96
CA SER D 116 -34.99 -35.99 -22.24
C SER D 116 -34.52 -37.43 -22.00
N THR D 117 -35.31 -38.15 -21.21
CA THR D 117 -34.96 -39.51 -20.83
C THR D 117 -34.58 -40.34 -22.04
N LYS D 118 -33.68 -41.31 -21.82
CA LYS D 118 -33.28 -42.25 -22.84
C LYS D 118 -32.53 -43.39 -22.18
N GLY D 119 -32.54 -44.54 -22.84
CA GLY D 119 -31.88 -45.73 -22.35
C GLY D 119 -30.57 -45.97 -23.04
N PRO D 120 -29.65 -46.66 -22.37
CA PRO D 120 -28.32 -46.86 -22.93
C PRO D 120 -28.27 -47.94 -23.99
N SER D 121 -27.31 -47.81 -24.88
CA SER D 121 -26.96 -48.84 -25.85
C SER D 121 -25.62 -49.43 -25.46
N VAL D 122 -25.53 -50.76 -25.47
CA VAL D 122 -24.38 -51.49 -24.96
C VAL D 122 -23.68 -52.16 -26.13
N PHE D 123 -22.35 -52.02 -26.19
CA PHE D 123 -21.57 -52.60 -27.27
C PHE D 123 -20.35 -53.29 -26.69
N PRO D 124 -20.11 -54.57 -26.99
CA PRO D 124 -19.01 -55.30 -26.36
C PRO D 124 -17.68 -55.00 -27.06
N LEU D 125 -16.70 -54.55 -26.28
CA LEU D 125 -15.35 -54.34 -26.75
C LEU D 125 -14.56 -55.59 -26.39
N ALA D 126 -14.35 -56.45 -27.37
CA ALA D 126 -13.80 -57.78 -27.16
C ALA D 126 -12.30 -57.80 -27.44
N PRO D 127 -11.61 -58.83 -26.98
CA PRO D 127 -10.17 -58.93 -27.24
C PRO D 127 -9.86 -59.70 -28.52
N SER D 128 -8.58 -59.83 -28.83
CA SER D 128 -8.14 -60.61 -29.99
C SER D 128 -6.78 -61.21 -29.66
N SER D 129 -6.28 -62.03 -30.59
CA SER D 129 -4.99 -62.68 -30.39
C SER D 129 -3.83 -61.69 -30.31
N LYS D 130 -4.06 -60.42 -30.63
CA LYS D 130 -3.02 -59.40 -30.56
C LYS D 130 -3.05 -58.62 -29.25
N SER D 131 -4.05 -58.82 -28.41
CA SER D 131 -4.17 -58.11 -27.14
C SER D 131 -3.49 -58.83 -25.98
N THR D 132 -2.59 -59.77 -26.27
CA THR D 132 -1.93 -60.53 -25.22
C THR D 132 -0.95 -59.64 -24.47
N SER D 133 -0.93 -59.79 -23.15
CA SER D 133 0.01 -59.07 -22.28
C SER D 133 0.66 -60.11 -21.36
N GLY D 134 1.72 -60.74 -21.84
CA GLY D 134 2.42 -61.73 -21.02
C GLY D 134 1.50 -62.71 -20.34
N GLY D 135 0.44 -63.13 -21.03
CA GLY D 135 -0.52 -64.03 -20.44
C GLY D 135 -1.70 -63.35 -19.78
N THR D 136 -2.12 -62.20 -20.29
CA THR D 136 -3.25 -61.47 -19.74
C THR D 136 -3.87 -60.63 -20.85
N ALA D 137 -5.20 -60.51 -20.82
CA ALA D 137 -5.94 -59.82 -21.85
C ALA D 137 -7.05 -58.99 -21.22
N ALA D 138 -7.39 -57.89 -21.88
CA ALA D 138 -8.41 -56.97 -21.43
C ALA D 138 -9.62 -57.03 -22.35
N LEU D 139 -10.77 -56.64 -21.80
CA LEU D 139 -12.00 -56.56 -22.57
C LEU D 139 -12.97 -55.68 -21.80
N GLY D 140 -14.19 -55.58 -22.30
CA GLY D 140 -15.19 -54.81 -21.58
C GLY D 140 -16.40 -54.48 -22.42
N CYS D 141 -17.10 -53.44 -22.00
CA CYS D 141 -18.35 -53.02 -22.62
C CYS D 141 -18.39 -51.50 -22.66
N LEU D 142 -19.06 -50.97 -23.67
CA LEU D 142 -19.20 -49.54 -23.88
C LEU D 142 -20.67 -49.18 -23.81
N VAL D 143 -21.00 -48.27 -22.91
CA VAL D 143 -22.34 -47.75 -22.76
C VAL D 143 -22.40 -46.40 -23.45
N LYS D 144 -23.36 -46.23 -24.36
CA LYS D 144 -23.41 -45.04 -25.18
C LYS D 144 -24.84 -44.54 -25.29
N ASP D 145 -24.99 -43.23 -25.43
CA ASP D 145 -26.26 -42.60 -25.78
C ASP D 145 -27.32 -42.90 -24.71
N TYR D 146 -27.06 -42.43 -23.50
CA TYR D 146 -28.01 -42.51 -22.41
C TYR D 146 -28.12 -41.17 -21.72
N PHE D 147 -29.22 -40.99 -21.01
CA PHE D 147 -29.48 -39.79 -20.23
C PHE D 147 -30.70 -40.03 -19.35
N PRO D 148 -30.69 -39.57 -18.09
CA PRO D 148 -29.62 -38.84 -17.40
C PRO D 148 -28.63 -39.75 -16.70
N GLU D 149 -27.66 -39.16 -16.02
CA GLU D 149 -26.78 -39.90 -15.15
C GLU D 149 -27.52 -40.33 -13.90
N PRO D 150 -27.07 -41.39 -13.22
CA PRO D 150 -25.93 -42.26 -13.51
C PRO D 150 -26.34 -43.59 -14.11
N VAL D 151 -25.36 -44.47 -14.32
CA VAL D 151 -25.59 -45.83 -14.79
C VAL D 151 -24.78 -46.77 -13.93
N THR D 152 -25.39 -47.88 -13.53
CA THR D 152 -24.72 -48.88 -12.70
C THR D 152 -24.21 -50.00 -13.59
N VAL D 153 -22.99 -50.44 -13.32
CA VAL D 153 -22.35 -51.49 -14.10
C VAL D 153 -21.79 -52.55 -13.15
N SER D 154 -21.84 -53.80 -13.57
CA SER D 154 -21.35 -54.91 -12.77
C SER D 154 -20.95 -56.05 -13.71
N TRP D 155 -20.28 -57.04 -13.13
CA TRP D 155 -19.79 -58.19 -13.89
C TRP D 155 -20.14 -59.48 -13.17
N ASN D 156 -20.49 -60.50 -13.96
CA ASN D 156 -20.94 -61.79 -13.43
C ASN D 156 -21.87 -61.59 -12.23
N SER D 157 -22.92 -60.79 -12.46
CA SER D 157 -23.89 -60.49 -11.42
C SER D 157 -23.22 -59.95 -10.17
N GLY D 158 -22.11 -59.23 -10.36
CA GLY D 158 -21.37 -58.68 -9.25
C GLY D 158 -20.29 -59.58 -8.69
N ALA D 159 -19.97 -60.68 -9.37
CA ALA D 159 -18.99 -61.64 -8.91
C ALA D 159 -17.56 -61.29 -9.33
N LEU D 160 -17.30 -60.01 -9.62
CA LEU D 160 -15.97 -59.60 -10.08
C LEU D 160 -15.75 -58.15 -9.69
N THR D 161 -14.64 -57.90 -9.01
CA THR D 161 -14.27 -56.55 -8.61
C THR D 161 -12.79 -56.24 -8.84
N SER D 162 -12.00 -57.21 -9.31
CA SER D 162 -10.57 -57.02 -9.54
C SER D 162 -10.33 -56.67 -11.00
N GLY D 163 -9.45 -55.70 -11.22
CA GLY D 163 -9.17 -55.24 -12.57
C GLY D 163 -10.32 -54.53 -13.24
N VAL D 164 -11.40 -54.25 -12.52
CA VAL D 164 -12.58 -53.62 -13.10
C VAL D 164 -12.44 -52.13 -12.85
N HIS D 165 -11.91 -51.42 -13.84
CA HIS D 165 -11.80 -49.97 -13.80
C HIS D 165 -12.95 -49.38 -14.61
N THR D 166 -13.93 -48.82 -13.91
CA THR D 166 -15.04 -48.14 -14.55
C THR D 166 -14.74 -46.65 -14.62
N PHE D 167 -15.06 -46.05 -15.77
CA PHE D 167 -14.62 -44.71 -16.07
C PHE D 167 -15.76 -43.71 -15.95
N PRO D 168 -15.47 -42.45 -15.66
CA PRO D 168 -16.53 -41.43 -15.62
C PRO D 168 -17.22 -41.25 -16.96
N ALA D 169 -18.22 -40.38 -16.98
CA ALA D 169 -19.04 -40.19 -18.16
C ALA D 169 -18.51 -39.03 -19.01
N VAL D 170 -19.09 -38.89 -20.20
CA VAL D 170 -18.68 -37.89 -21.17
C VAL D 170 -19.93 -37.31 -21.81
N LEU D 171 -20.06 -35.99 -21.77
CA LEU D 171 -21.20 -35.30 -22.37
C LEU D 171 -20.88 -35.05 -23.84
N GLN D 172 -21.50 -35.84 -24.71
CA GLN D 172 -21.25 -35.73 -26.14
C GLN D 172 -22.11 -34.62 -26.74
N SER D 173 -21.87 -34.34 -28.02
CA SER D 173 -22.59 -33.25 -28.68
C SER D 173 -24.08 -33.52 -28.75
N SER D 174 -24.51 -34.77 -28.63
CA SER D 174 -25.92 -35.11 -28.70
C SER D 174 -26.67 -34.80 -27.41
N GLY D 175 -26.02 -34.18 -26.43
CA GLY D 175 -26.61 -33.99 -25.12
C GLY D 175 -26.70 -35.24 -24.28
N LEU D 176 -26.33 -36.39 -24.82
CA LEU D 176 -26.38 -37.65 -24.09
C LEU D 176 -25.02 -37.94 -23.47
N TYR D 177 -24.92 -39.11 -22.83
CA TYR D 177 -23.74 -39.50 -22.07
C TYR D 177 -23.18 -40.81 -22.60
N SER D 178 -21.92 -41.06 -22.26
CA SER D 178 -21.23 -42.27 -22.66
C SER D 178 -20.18 -42.61 -21.62
N LEU D 179 -19.85 -43.90 -21.56
CA LEU D 179 -18.79 -44.38 -20.68
C LEU D 179 -18.37 -45.76 -21.15
N SER D 180 -17.28 -46.26 -20.57
CA SER D 180 -16.78 -47.59 -20.86
C SER D 180 -16.36 -48.26 -19.57
N SER D 181 -16.70 -49.54 -19.43
CA SER D 181 -16.23 -50.36 -18.34
C SER D 181 -15.39 -51.49 -18.90
N VAL D 182 -14.39 -51.92 -18.15
CA VAL D 182 -13.40 -52.86 -18.63
C VAL D 182 -13.13 -53.92 -17.56
N VAL D 183 -12.26 -54.85 -17.92
CA VAL D 183 -11.77 -55.89 -17.02
C VAL D 183 -10.55 -56.52 -17.65
N THR D 184 -9.66 -57.04 -16.81
CA THR D 184 -8.41 -57.64 -17.23
C THR D 184 -8.28 -59.01 -16.57
N VAL D 185 -8.09 -60.04 -17.38
CA VAL D 185 -8.08 -61.41 -16.87
C VAL D 185 -7.03 -62.22 -17.61
N PRO D 186 -6.55 -63.31 -17.02
CA PRO D 186 -5.58 -64.15 -17.71
C PRO D 186 -6.16 -64.73 -18.99
N SER D 187 -5.29 -64.89 -19.99
CA SER D 187 -5.72 -65.48 -21.25
C SER D 187 -6.06 -66.96 -21.13
N SER D 188 -5.90 -67.56 -19.95
CA SER D 188 -6.26 -68.94 -19.72
C SER D 188 -7.72 -69.10 -19.31
N SER D 189 -8.50 -68.02 -19.35
CA SER D 189 -9.91 -68.07 -18.99
C SER D 189 -10.78 -67.32 -20.00
N LEU D 190 -10.21 -66.85 -21.11
CA LEU D 190 -11.00 -66.10 -22.09
C LEU D 190 -11.94 -67.03 -22.85
N GLY D 191 -11.39 -68.05 -23.50
CA GLY D 191 -12.20 -68.99 -24.26
C GLY D 191 -12.93 -70.03 -23.45
N THR D 192 -12.71 -70.07 -22.13
CA THR D 192 -13.35 -71.04 -21.26
C THR D 192 -14.32 -70.40 -20.28
N GLN D 193 -13.86 -69.42 -19.50
CA GLN D 193 -14.72 -68.74 -18.56
C GLN D 193 -15.57 -67.69 -19.26
N THR D 194 -16.75 -67.44 -18.71
CA THR D 194 -17.70 -66.50 -19.29
C THR D 194 -17.61 -65.16 -18.58
N TYR D 195 -17.85 -64.09 -19.36
CA TYR D 195 -17.86 -62.73 -18.84
C TYR D 195 -19.07 -62.00 -19.39
N ILE D 196 -19.70 -61.21 -18.52
CA ILE D 196 -20.96 -60.53 -18.83
C ILE D 196 -20.94 -59.15 -18.19
N CYS D 197 -21.46 -58.16 -18.89
CA CYS D 197 -21.45 -56.77 -18.42
C CYS D 197 -22.89 -56.37 -18.13
N ASN D 198 -23.30 -56.46 -16.88
CA ASN D 198 -24.65 -56.08 -16.47
C ASN D 198 -24.73 -54.57 -16.32
N VAL D 199 -25.72 -53.97 -16.97
CA VAL D 199 -25.96 -52.54 -16.93
C VAL D 199 -27.34 -52.28 -16.34
N ASN D 200 -27.47 -51.15 -15.64
CA ASN D 200 -28.72 -50.80 -14.97
C ASN D 200 -28.90 -49.30 -15.02
N HIS D 201 -29.98 -48.86 -15.66
CA HIS D 201 -30.40 -47.46 -15.64
C HIS D 201 -31.80 -47.40 -15.04
N LYS D 202 -31.92 -46.68 -13.91
CA LYS D 202 -33.17 -46.66 -13.17
C LYS D 202 -34.19 -45.71 -13.80
N PRO D 203 -33.80 -44.48 -14.15
CA PRO D 203 -34.78 -43.54 -14.72
C PRO D 203 -35.50 -44.05 -15.95
N SER D 204 -35.05 -45.18 -16.52
CA SER D 204 -35.71 -45.81 -17.65
C SER D 204 -36.16 -47.23 -17.35
N ASN D 205 -35.84 -47.75 -16.16
CA ASN D 205 -36.16 -49.13 -15.80
C ASN D 205 -35.59 -50.09 -16.84
N THR D 206 -34.28 -49.97 -17.06
CA THR D 206 -33.57 -50.79 -18.03
C THR D 206 -32.51 -51.61 -17.31
N LYS D 207 -32.60 -52.93 -17.43
CA LYS D 207 -31.62 -53.85 -16.88
C LYS D 207 -31.14 -54.73 -18.03
N VAL D 208 -29.87 -54.57 -18.40
CA VAL D 208 -29.28 -55.29 -19.52
C VAL D 208 -28.28 -56.28 -18.97
N ASP D 209 -28.27 -57.49 -19.52
CA ASP D 209 -27.28 -58.51 -19.20
C ASP D 209 -26.65 -58.94 -20.53
N LYS D 210 -25.63 -58.19 -20.95
CA LYS D 210 -24.98 -58.43 -22.23
C LYS D 210 -23.79 -59.37 -22.06
N LYS D 211 -23.79 -60.45 -22.84
CA LYS D 211 -22.67 -61.36 -22.84
C LYS D 211 -21.49 -60.75 -23.58
N VAL D 212 -20.34 -61.41 -23.50
CA VAL D 212 -19.13 -60.96 -24.17
C VAL D 212 -18.31 -62.18 -24.54
N GLU D 213 -17.92 -62.26 -25.80
CA GLU D 213 -17.11 -63.35 -26.31
C GLU D 213 -16.06 -62.79 -27.25
N PRO D 214 -14.95 -63.49 -27.45
CA PRO D 214 -14.00 -63.07 -28.46
C PRO D 214 -14.64 -63.07 -29.83
N LYS D 215 -14.18 -62.14 -30.68
CA LYS D 215 -14.74 -62.04 -32.03
C LYS D 215 -14.26 -63.20 -32.88
N SER D 216 -14.94 -64.33 -32.79
CA SER D 216 -14.57 -65.51 -33.57
C SER D 216 -14.71 -65.21 -35.06
N CYS D 217 -13.60 -65.13 -35.77
CA CYS D 217 -13.60 -64.79 -37.18
C CYS D 217 -14.21 -65.95 -37.97
N ASP D 218 -15.40 -65.73 -38.50
CA ASP D 218 -16.07 -66.74 -39.32
C ASP D 218 -15.39 -66.77 -40.69
N LYS D 219 -14.73 -67.88 -40.99
CA LYS D 219 -13.98 -68.00 -42.24
C LYS D 219 -14.95 -68.27 -43.38
N THR D 220 -15.04 -67.32 -44.32
CA THR D 220 -15.93 -67.45 -45.46
C THR D 220 -15.13 -67.48 -46.76
N GLU E 1 -13.33 -7.65 -8.07
CA GLU E 1 -13.11 -9.00 -7.56
C GLU E 1 -11.62 -9.26 -7.35
N ILE E 2 -11.26 -9.69 -6.14
CA ILE E 2 -9.88 -9.99 -5.79
C ILE E 2 -9.59 -11.41 -6.28
N VAL E 3 -8.99 -11.51 -7.46
CA VAL E 3 -8.69 -12.82 -8.02
C VAL E 3 -7.55 -13.46 -7.25
N MET E 4 -7.71 -14.73 -6.91
CA MET E 4 -6.70 -15.51 -6.22
C MET E 4 -6.18 -16.60 -7.14
N THR E 5 -4.94 -17.02 -6.91
CA THR E 5 -4.28 -17.99 -7.76
C THR E 5 -3.47 -18.95 -6.89
N GLN E 6 -3.74 -20.24 -7.02
CA GLN E 6 -3.07 -21.25 -6.22
C GLN E 6 -1.90 -21.84 -7.00
N SER E 7 -0.82 -22.13 -6.27
CA SER E 7 0.39 -22.66 -6.87
C SER E 7 0.97 -23.72 -5.94
N PRO E 8 1.29 -24.92 -6.47
CA PRO E 8 1.08 -25.33 -7.86
C PRO E 8 -0.37 -25.72 -8.10
N GLY E 9 -0.67 -26.24 -9.28
CA GLY E 9 -1.99 -26.75 -9.56
C GLY E 9 -2.18 -28.21 -9.22
N THR E 10 -1.15 -28.86 -8.69
CA THR E 10 -1.18 -30.27 -8.36
C THR E 10 0.14 -30.61 -7.66
N LEU E 11 0.09 -31.65 -6.84
CA LEU E 11 1.27 -32.11 -6.11
C LEU E 11 1.34 -33.63 -6.19
N SER E 12 2.41 -34.18 -5.63
CA SER E 12 2.61 -35.63 -5.60
C SER E 12 3.59 -35.91 -4.46
N LEU E 13 3.10 -36.55 -3.40
CA LEU E 13 3.88 -36.73 -2.17
C LEU E 13 3.63 -38.14 -1.66
N SER E 14 4.06 -38.38 -0.43
CA SER E 14 3.94 -39.70 0.20
C SER E 14 3.82 -39.49 1.70
N PRO E 15 3.17 -40.42 2.41
CA PRO E 15 3.02 -40.26 3.87
C PRO E 15 4.36 -40.02 4.54
N GLY E 16 4.35 -39.10 5.52
CA GLY E 16 5.55 -38.73 6.23
C GLY E 16 6.28 -37.54 5.67
N GLU E 17 5.98 -37.14 4.43
CA GLU E 17 6.63 -35.99 3.81
C GLU E 17 5.98 -34.71 4.33
N ARG E 18 6.36 -33.58 3.74
CA ARG E 18 5.85 -32.27 4.11
C ARG E 18 5.38 -31.55 2.85
N ALA E 19 4.27 -30.84 2.97
CA ALA E 19 3.63 -30.20 1.83
C ALA E 19 3.56 -28.69 2.03
N THR E 20 3.63 -27.95 0.93
CA THR E 20 3.56 -26.50 0.92
C THR E 20 2.76 -26.02 -0.27
N LEU E 21 1.63 -25.35 0.01
CA LEU E 21 0.79 -24.76 -1.02
C LEU E 21 0.85 -23.25 -0.87
N SER E 22 0.66 -22.53 -1.99
CA SER E 22 0.78 -21.09 -2.01
C SER E 22 -0.45 -20.47 -2.67
N CYS E 23 -0.87 -19.32 -2.14
CA CYS E 23 -1.96 -18.55 -2.73
C CYS E 23 -1.47 -17.12 -2.94
N ARG E 24 -1.55 -16.66 -4.18
CA ARG E 24 -1.14 -15.32 -4.58
C ARG E 24 -2.36 -14.52 -4.98
N ALA E 25 -2.49 -13.31 -4.44
CA ALA E 25 -3.64 -12.46 -4.71
C ALA E 25 -3.29 -11.40 -5.75
N SER E 26 -4.33 -10.87 -6.38
CA SER E 26 -4.12 -9.84 -7.40
C SER E 26 -3.71 -8.52 -6.76
N GLN E 27 -4.26 -8.21 -5.59
CA GLN E 27 -3.94 -6.98 -4.88
C GLN E 27 -3.77 -7.31 -3.40
N SER E 28 -3.04 -6.45 -2.70
CA SER E 28 -2.83 -6.66 -1.28
C SER E 28 -4.16 -6.90 -0.57
N ILE E 29 -4.09 -7.65 0.51
CA ILE E 29 -5.27 -8.12 1.21
C ILE E 29 -5.32 -7.45 2.58
N SER E 30 -6.49 -7.50 3.19
CA SER E 30 -6.71 -6.85 4.48
C SER E 30 -5.84 -7.54 5.53
N SER E 31 -6.01 -7.15 6.79
CA SER E 31 -4.98 -7.33 7.81
C SER E 31 -4.29 -8.68 7.69
N SER E 32 -5.03 -9.77 7.93
CA SER E 32 -4.53 -11.10 7.62
C SER E 32 -5.64 -12.02 7.15
N TYR E 33 -6.71 -11.45 6.59
CA TYR E 33 -7.95 -12.18 6.35
C TYR E 33 -7.78 -13.09 5.14
N LEU E 34 -7.27 -14.29 5.39
CA LEU E 34 -7.19 -15.34 4.38
C LEU E 34 -7.34 -16.68 5.08
N ALA E 35 -8.22 -17.51 4.55
CA ALA E 35 -8.54 -18.80 5.15
C ALA E 35 -8.18 -19.93 4.21
N TRP E 36 -7.97 -21.11 4.78
CA TRP E 36 -7.60 -22.30 4.03
C TRP E 36 -8.66 -23.37 4.28
N PHE E 37 -9.24 -23.87 3.19
CA PHE E 37 -10.32 -24.84 3.23
C PHE E 37 -9.84 -26.19 2.72
N GLN E 38 -10.35 -27.25 3.33
CA GLN E 38 -10.10 -28.62 2.89
C GLN E 38 -11.39 -29.20 2.32
N GLN E 39 -11.26 -29.96 1.24
CA GLN E 39 -12.40 -30.59 0.60
C GLN E 39 -12.00 -31.96 0.09
N LYS E 40 -12.77 -32.97 0.45
CA LYS E 40 -12.56 -34.34 0.04
C LYS E 40 -13.68 -34.81 -0.87
N PRO E 41 -13.57 -36.01 -1.43
CA PRO E 41 -14.62 -36.49 -2.35
C PRO E 41 -15.98 -36.54 -1.68
N GLY E 42 -16.95 -35.90 -2.32
CA GLY E 42 -18.33 -35.93 -1.83
C GLY E 42 -18.67 -34.98 -0.73
N GLN E 43 -17.85 -34.93 0.32
CA GLN E 43 -18.13 -34.08 1.46
C GLN E 43 -18.10 -32.60 1.05
N ALA E 44 -18.51 -31.76 1.96
CA ALA E 44 -18.42 -30.32 1.79
C ALA E 44 -17.12 -29.79 2.36
N PRO E 45 -16.71 -28.59 1.98
CA PRO E 45 -15.44 -28.06 2.47
C PRO E 45 -15.41 -27.97 3.99
N ARG E 46 -14.19 -27.80 4.51
CA ARG E 46 -13.96 -27.65 5.93
C ARG E 46 -12.84 -26.65 6.13
N LEU E 47 -12.94 -25.85 7.20
CA LEU E 47 -11.96 -24.83 7.50
C LEU E 47 -10.87 -25.38 8.41
N LEU E 48 -9.63 -25.07 8.09
CA LEU E 48 -8.49 -25.41 8.92
C LEU E 48 -7.81 -24.17 9.50
N ILE E 49 -7.53 -23.18 8.67
CA ILE E 49 -6.70 -22.04 9.03
C ILE E 49 -7.48 -20.77 8.75
N TYR E 50 -7.55 -19.89 9.73
CA TYR E 50 -8.13 -18.57 9.58
C TYR E 50 -7.12 -17.52 10.01
N GLY E 51 -7.22 -16.34 9.41
CA GLY E 51 -6.23 -15.31 9.63
C GLY E 51 -4.88 -15.62 9.03
N ALA E 52 -4.76 -16.70 8.26
CA ALA E 52 -3.52 -17.08 7.60
C ALA E 52 -2.49 -17.63 8.57
N SER E 53 -2.79 -17.56 9.87
CA SER E 53 -1.86 -18.08 10.89
C SER E 53 -2.53 -18.86 12.01
N SER E 54 -3.84 -18.76 12.19
CA SER E 54 -4.50 -19.40 13.32
C SER E 54 -5.03 -20.76 12.91
N ARG E 55 -5.15 -21.65 13.90
CA ARG E 55 -5.54 -23.04 13.70
C ARG E 55 -6.87 -23.26 14.41
N ALA E 56 -7.94 -23.41 13.64
CA ALA E 56 -9.29 -23.52 14.17
C ALA E 56 -9.43 -24.74 15.07
N PRO E 57 -10.52 -24.83 15.84
CA PRO E 57 -10.71 -26.01 16.69
C PRO E 57 -10.84 -27.29 15.87
N GLY E 58 -10.41 -28.39 16.46
CA GLY E 58 -10.49 -29.67 15.81
C GLY E 58 -9.52 -29.86 14.66
N ILE E 59 -8.45 -29.08 14.64
CA ILE E 59 -7.46 -29.11 13.56
C ILE E 59 -6.14 -29.55 14.14
N PRO E 60 -5.57 -30.69 13.72
CA PRO E 60 -4.27 -31.11 14.26
C PRO E 60 -3.22 -30.03 14.06
N ASP E 61 -2.20 -30.08 14.92
CA ASP E 61 -1.16 -29.06 14.94
C ASP E 61 -0.20 -29.15 13.76
N ARG E 62 -0.42 -30.07 12.81
CA ARG E 62 0.47 -30.17 11.66
C ARG E 62 0.14 -29.16 10.57
N PHE E 63 -1.10 -28.66 10.54
CA PHE E 63 -1.46 -27.61 9.59
C PHE E 63 -1.00 -26.27 10.12
N SER E 64 -0.20 -25.55 9.34
CA SER E 64 0.26 -24.22 9.71
C SER E 64 0.10 -23.29 8.52
N GLY E 65 0.03 -21.99 8.81
CA GLY E 65 -0.10 -20.99 7.79
C GLY E 65 0.84 -19.82 8.04
N SER E 66 1.07 -19.05 6.99
CA SER E 66 1.93 -17.87 7.09
C SER E 66 1.72 -17.02 5.84
N GLY E 67 2.26 -15.81 5.87
CA GLY E 67 2.28 -14.93 4.72
C GLY E 67 1.52 -13.65 4.97
N SER E 68 1.49 -12.82 3.94
CA SER E 68 0.80 -11.54 4.01
C SER E 68 0.73 -10.96 2.60
N GLY E 69 0.01 -9.83 2.49
CA GLY E 69 -0.07 -9.10 1.24
C GLY E 69 -0.62 -9.93 0.10
N THR E 70 0.24 -10.26 -0.86
CA THR E 70 -0.14 -11.02 -2.03
C THR E 70 0.53 -12.39 -2.07
N ASP E 71 0.99 -12.90 -0.93
CA ASP E 71 1.63 -14.21 -0.89
C ASP E 71 1.32 -14.85 0.45
N PHE E 72 0.58 -15.95 0.42
CA PHE E 72 0.29 -16.75 1.60
C PHE E 72 0.68 -18.19 1.34
N THR E 73 0.97 -18.90 2.41
CA THR E 73 1.54 -20.24 2.32
C THR E 73 0.96 -21.12 3.42
N LEU E 74 0.41 -22.25 3.01
CA LEU E 74 -0.03 -23.30 3.93
C LEU E 74 0.99 -24.43 3.91
N THR E 75 1.23 -25.01 5.09
CA THR E 75 2.24 -26.03 5.25
C THR E 75 1.69 -27.18 6.08
N ILE E 76 2.06 -28.39 5.71
CA ILE E 76 1.67 -29.60 6.42
C ILE E 76 2.95 -30.37 6.72
N SER E 77 3.34 -30.40 8.00
CA SER E 77 4.61 -31.01 8.38
C SER E 77 4.61 -32.50 8.09
N ARG E 78 3.73 -33.25 8.76
CA ARG E 78 3.69 -34.70 8.66
C ARG E 78 2.35 -35.08 8.02
N LEU E 79 2.41 -35.48 6.76
CA LEU E 79 1.20 -35.85 6.04
C LEU E 79 0.59 -37.12 6.65
N GLU E 80 -0.62 -37.42 6.21
CA GLU E 80 -1.33 -38.62 6.61
C GLU E 80 -2.37 -38.95 5.56
N PRO E 81 -2.85 -40.19 5.52
CA PRO E 81 -3.83 -40.56 4.48
C PRO E 81 -5.04 -39.66 4.43
N GLU E 82 -5.45 -39.09 5.57
CA GLU E 82 -6.60 -38.19 5.59
C GLU E 82 -6.30 -36.83 4.99
N ASP E 83 -5.03 -36.53 4.72
CA ASP E 83 -4.64 -35.20 4.28
C ASP E 83 -4.56 -35.06 2.77
N PHE E 84 -4.67 -36.15 2.02
CA PHE E 84 -4.64 -36.11 0.55
C PHE E 84 -6.03 -35.71 0.07
N ALA E 85 -6.18 -34.46 -0.33
CA ALA E 85 -7.47 -33.92 -0.73
C ALA E 85 -7.21 -32.59 -1.43
N VAL E 86 -8.28 -31.85 -1.69
CA VAL E 86 -8.21 -30.56 -2.36
C VAL E 86 -8.16 -29.46 -1.31
N TYR E 87 -7.40 -28.41 -1.58
CA TYR E 87 -7.23 -27.31 -0.66
C TYR E 87 -7.46 -25.99 -1.39
N TYR E 88 -8.22 -25.10 -0.75
CA TYR E 88 -8.63 -23.84 -1.33
C TYR E 88 -8.18 -22.69 -0.43
N CYS E 89 -7.99 -21.52 -1.02
CA CYS E 89 -7.73 -20.29 -0.28
C CYS E 89 -8.89 -19.32 -0.47
N GLN E 90 -9.22 -18.60 0.59
CA GLN E 90 -10.37 -17.72 0.65
C GLN E 90 -9.95 -16.38 1.23
N GLN E 91 -10.62 -15.31 0.79
CA GLN E 91 -10.39 -13.98 1.32
C GLN E 91 -11.70 -13.38 1.78
N TYR E 92 -11.79 -13.05 3.06
CA TYR E 92 -12.97 -12.43 3.65
C TYR E 92 -12.64 -11.04 4.18
N GLY E 93 -11.77 -10.32 3.47
CA GLY E 93 -11.40 -8.98 3.85
C GLY E 93 -12.01 -7.93 2.97
N ASP E 94 -12.40 -8.32 1.76
CA ASP E 94 -13.06 -7.43 0.82
C ASP E 94 -14.26 -8.15 0.22
N SER E 95 -15.31 -7.38 -0.09
CA SER E 95 -16.50 -7.97 -0.67
C SER E 95 -16.48 -7.81 -2.19
N PRO E 96 -16.89 -8.83 -2.95
CA PRO E 96 -17.37 -10.12 -2.47
C PRO E 96 -16.25 -11.06 -2.06
N LEU E 97 -16.59 -12.24 -1.56
CA LEU E 97 -15.59 -13.24 -1.24
C LEU E 97 -14.89 -13.69 -2.50
N THR E 98 -13.89 -14.56 -2.36
CA THR E 98 -13.13 -15.03 -3.52
C THR E 98 -12.40 -16.29 -3.10
N PHE E 99 -12.66 -17.39 -3.77
CA PHE E 99 -11.92 -18.62 -3.58
C PHE E 99 -10.86 -18.78 -4.66
N GLY E 100 -10.01 -19.78 -4.48
CA GLY E 100 -9.00 -20.13 -5.45
C GLY E 100 -9.50 -21.15 -6.44
N GLY E 101 -8.55 -21.84 -7.07
CA GLY E 101 -8.87 -22.89 -8.00
C GLY E 101 -8.69 -24.26 -7.39
N GLY E 102 -7.75 -24.36 -6.45
CA GLY E 102 -7.51 -25.61 -5.76
C GLY E 102 -6.10 -26.14 -5.97
N THR E 103 -5.65 -27.02 -5.08
CA THR E 103 -4.33 -27.62 -5.20
C THR E 103 -4.44 -29.05 -4.69
N LYS E 104 -4.63 -29.99 -5.61
CA LYS E 104 -4.75 -31.39 -5.24
C LYS E 104 -3.43 -31.90 -4.69
N VAL E 105 -3.52 -32.93 -3.85
CA VAL E 105 -2.36 -33.53 -3.20
C VAL E 105 -2.50 -35.04 -3.41
N ASP E 106 -1.81 -35.56 -4.42
CA ASP E 106 -1.91 -36.97 -4.80
C ASP E 106 -0.76 -37.76 -4.18
N ILE E 107 -1.00 -39.06 -4.02
CA ILE E 107 0.03 -39.95 -3.52
C ILE E 107 1.06 -40.20 -4.61
N LYS E 108 2.28 -40.52 -4.18
CA LYS E 108 3.39 -40.77 -5.07
C LYS E 108 3.78 -42.25 -5.03
N ARG E 109 4.43 -42.70 -6.09
CA ARG E 109 4.89 -44.09 -6.19
C ARG E 109 5.78 -44.20 -7.41
N THR E 110 6.38 -45.37 -7.57
CA THR E 110 7.31 -45.60 -8.67
C THR E 110 6.59 -45.47 -10.01
N VAL E 111 7.31 -44.93 -11.00
CA VAL E 111 6.78 -44.84 -12.35
C VAL E 111 6.30 -46.21 -12.80
N ALA E 112 5.24 -46.24 -13.60
CA ALA E 112 4.66 -47.49 -14.06
C ALA E 112 4.28 -47.33 -15.53
N ALA E 113 4.80 -48.23 -16.36
CA ALA E 113 4.51 -48.16 -17.78
C ALA E 113 3.07 -48.58 -18.05
N PRO E 114 2.29 -47.79 -18.78
CA PRO E 114 0.90 -48.18 -19.04
C PRO E 114 0.82 -49.44 -19.87
N SER E 115 -0.23 -50.22 -19.59
CA SER E 115 -0.61 -51.34 -20.45
C SER E 115 -1.65 -50.84 -21.43
N VAL E 116 -1.36 -50.99 -22.73
CA VAL E 116 -2.13 -50.34 -23.78
C VAL E 116 -2.90 -51.40 -24.56
N PHE E 117 -4.14 -51.06 -24.92
CA PHE E 117 -4.99 -51.96 -25.68
C PHE E 117 -5.84 -51.15 -26.64
N ILE E 118 -6.13 -51.73 -27.81
CA ILE E 118 -6.96 -51.11 -28.83
C ILE E 118 -8.13 -52.02 -29.12
N PHE E 119 -9.29 -51.42 -29.38
CA PHE E 119 -10.53 -52.19 -29.55
C PHE E 119 -11.16 -51.88 -30.90
N PRO E 120 -11.47 -52.91 -31.71
CA PRO E 120 -12.24 -52.66 -32.92
C PRO E 120 -13.73 -52.66 -32.62
N PRO E 121 -14.51 -51.76 -33.23
CA PRO E 121 -15.95 -51.72 -32.95
C PRO E 121 -16.66 -53.00 -33.33
N SER E 122 -17.96 -53.07 -33.00
CA SER E 122 -18.78 -54.23 -33.29
C SER E 122 -19.85 -53.88 -34.31
N ASP E 123 -20.35 -54.91 -35.00
CA ASP E 123 -21.30 -54.68 -36.07
C ASP E 123 -22.55 -53.98 -35.60
N GLU E 124 -22.92 -54.15 -34.33
CA GLU E 124 -24.15 -53.56 -33.81
C GLU E 124 -24.08 -52.04 -33.88
N GLN E 125 -22.98 -51.47 -33.41
CA GLN E 125 -22.85 -50.01 -33.44
C GLN E 125 -22.83 -49.49 -34.86
N LEU E 126 -22.38 -50.30 -35.82
CA LEU E 126 -22.41 -49.90 -37.22
C LEU E 126 -23.83 -49.87 -37.75
N LYS E 127 -24.56 -50.98 -37.58
CA LYS E 127 -25.96 -50.99 -37.95
C LYS E 127 -26.77 -49.94 -37.18
N SER E 128 -26.22 -49.38 -36.12
CA SER E 128 -26.85 -48.24 -35.46
C SER E 128 -26.57 -46.94 -36.20
N GLY E 129 -25.46 -46.88 -36.93
CA GLY E 129 -25.15 -45.70 -37.73
C GLY E 129 -23.96 -44.91 -37.22
N THR E 130 -23.00 -45.57 -36.58
CA THR E 130 -21.81 -44.91 -36.06
C THR E 130 -20.77 -45.97 -35.74
N ALA E 131 -19.58 -45.49 -35.39
CA ALA E 131 -18.51 -46.36 -34.91
C ALA E 131 -17.65 -45.60 -33.91
N SER E 132 -17.10 -46.33 -32.95
CA SER E 132 -16.25 -45.73 -31.94
C SER E 132 -15.14 -46.72 -31.58
N VAL E 133 -13.90 -46.30 -31.77
CA VAL E 133 -12.75 -47.14 -31.43
C VAL E 133 -12.19 -46.66 -30.09
N VAL E 134 -11.67 -47.60 -29.31
CA VAL E 134 -11.29 -47.35 -27.93
C VAL E 134 -9.83 -47.73 -27.73
N CYS E 135 -9.13 -46.91 -26.94
CA CYS E 135 -7.76 -47.16 -26.52
C CYS E 135 -7.72 -47.11 -25.00
N LEU E 136 -7.34 -48.22 -24.39
CA LEU E 136 -7.30 -48.36 -22.93
C LEU E 136 -5.87 -48.36 -22.44
N LEU E 137 -5.59 -47.50 -21.47
CA LEU E 137 -4.30 -47.45 -20.78
C LEU E 137 -4.53 -47.80 -19.32
N ASN E 138 -3.78 -48.78 -18.81
CA ASN E 138 -4.00 -49.32 -17.49
C ASN E 138 -2.75 -49.22 -16.64
N ASN E 139 -2.93 -48.86 -15.36
CA ASN E 139 -1.91 -49.03 -14.32
C ASN E 139 -0.61 -48.31 -14.71
N PHE E 140 -0.73 -46.98 -14.77
CA PHE E 140 0.39 -46.13 -15.14
C PHE E 140 0.48 -44.94 -14.20
N TYR E 141 1.72 -44.55 -13.88
CA TYR E 141 2.03 -43.38 -13.08
C TYR E 141 3.23 -42.69 -13.70
N PRO E 142 3.23 -41.36 -13.79
CA PRO E 142 2.22 -40.40 -13.33
C PRO E 142 1.07 -40.22 -14.31
N ARG E 143 0.18 -39.26 -14.01
CA ARG E 143 -0.98 -39.04 -14.85
C ARG E 143 -0.60 -38.39 -16.18
N GLU E 144 0.50 -37.65 -16.22
CA GLU E 144 0.92 -36.99 -17.45
C GLU E 144 1.11 -38.03 -18.55
N ALA E 145 0.25 -37.99 -19.56
CA ALA E 145 0.30 -38.95 -20.65
C ALA E 145 -0.44 -38.37 -21.84
N LYS E 146 -0.04 -38.80 -23.03
CA LYS E 146 -0.62 -38.29 -24.27
C LYS E 146 -0.97 -39.44 -25.19
N VAL E 147 -2.05 -39.28 -25.93
CA VAL E 147 -2.55 -40.32 -26.83
C VAL E 147 -2.94 -39.67 -28.16
N GLN E 148 -2.54 -40.29 -29.26
CA GLN E 148 -2.82 -39.81 -30.60
C GLN E 148 -3.48 -40.91 -31.41
N TRP E 149 -4.37 -40.51 -32.31
CA TRP E 149 -5.14 -41.43 -33.15
C TRP E 149 -4.74 -41.19 -34.60
N LYS E 150 -4.25 -42.23 -35.26
CA LYS E 150 -3.77 -42.15 -36.64
C LYS E 150 -4.64 -43.02 -37.54
N VAL E 151 -5.07 -42.46 -38.66
CA VAL E 151 -5.90 -43.15 -39.64
C VAL E 151 -5.04 -43.41 -40.86
N ASP E 152 -4.54 -44.63 -40.98
CA ASP E 152 -3.69 -45.02 -42.11
C ASP E 152 -2.56 -44.01 -42.30
N ASN E 153 -1.81 -43.78 -41.22
CA ASN E 153 -0.71 -42.81 -41.22
C ASN E 153 -1.23 -41.40 -41.51
N ALA E 154 -2.12 -40.93 -40.64
CA ALA E 154 -2.70 -39.60 -40.77
C ALA E 154 -3.28 -39.19 -39.42
N LEU E 155 -2.83 -38.05 -38.90
CA LEU E 155 -3.28 -37.59 -37.60
C LEU E 155 -4.76 -37.21 -37.62
N GLN E 156 -5.31 -37.01 -36.43
CA GLN E 156 -6.70 -36.62 -36.26
C GLN E 156 -6.79 -35.58 -35.15
N SER E 157 -7.98 -34.99 -35.00
CA SER E 157 -8.22 -34.02 -33.95
C SER E 157 -9.68 -33.60 -33.94
N GLY E 158 -10.17 -33.16 -32.78
CA GLY E 158 -11.54 -32.71 -32.66
C GLY E 158 -12.58 -33.79 -32.52
N ASN E 159 -12.17 -35.06 -32.43
CA ASN E 159 -13.11 -36.15 -32.27
C ASN E 159 -12.67 -37.19 -31.25
N SER E 160 -11.51 -37.04 -30.63
CA SER E 160 -11.01 -37.98 -29.64
C SER E 160 -11.27 -37.42 -28.25
N GLN E 161 -11.97 -38.20 -27.42
CA GLN E 161 -12.32 -37.80 -26.07
C GLN E 161 -11.77 -38.82 -25.08
N GLU E 162 -11.12 -38.33 -24.04
CA GLU E 162 -10.47 -39.19 -23.05
C GLU E 162 -11.11 -39.01 -21.69
N SER E 163 -11.18 -40.11 -20.95
CA SER E 163 -11.70 -40.13 -19.58
C SER E 163 -10.73 -40.87 -18.68
N VAL E 164 -10.47 -40.30 -17.51
CA VAL E 164 -9.44 -40.78 -16.60
C VAL E 164 -10.09 -41.32 -15.34
N THR E 165 -9.50 -42.39 -14.80
CA THR E 165 -9.92 -42.92 -13.53
C THR E 165 -9.22 -42.18 -12.40
N GLU E 166 -9.63 -42.47 -11.17
CA GLU E 166 -9.08 -41.81 -9.99
C GLU E 166 -8.00 -42.67 -9.37
N GLN E 167 -7.19 -42.03 -8.52
CA GLN E 167 -6.12 -42.73 -7.83
C GLN E 167 -6.65 -43.97 -7.14
N ASP E 168 -6.14 -45.13 -7.56
CA ASP E 168 -6.54 -46.38 -6.94
C ASP E 168 -6.23 -46.37 -5.45
N SER E 169 -6.84 -47.30 -4.72
CA SER E 169 -6.67 -47.38 -3.29
C SER E 169 -5.57 -48.34 -2.88
N LYS E 170 -5.19 -49.29 -3.75
CA LYS E 170 -4.19 -50.29 -3.43
C LYS E 170 -2.83 -49.93 -4.02
N ASP E 171 -2.76 -49.73 -5.34
CA ASP E 171 -1.53 -49.40 -6.02
C ASP E 171 -1.40 -47.92 -6.36
N SER E 172 -2.50 -47.16 -6.27
CA SER E 172 -2.48 -45.72 -6.52
C SER E 172 -2.11 -45.40 -7.96
N THR E 173 -2.47 -46.29 -8.89
CA THR E 173 -2.19 -46.09 -10.30
C THR E 173 -3.38 -45.37 -10.94
N TYR E 174 -3.34 -45.23 -12.26
CA TYR E 174 -4.38 -44.54 -13.02
C TYR E 174 -4.80 -45.39 -14.20
N SER E 175 -6.02 -45.14 -14.68
CA SER E 175 -6.55 -45.78 -15.87
C SER E 175 -7.19 -44.72 -16.74
N LEU E 176 -7.02 -44.88 -18.05
CA LEU E 176 -7.45 -43.89 -19.03
C LEU E 176 -8.08 -44.60 -20.21
N SER E 177 -9.11 -43.99 -20.78
CA SER E 177 -9.79 -44.51 -21.95
C SER E 177 -10.00 -43.39 -22.94
N SER E 178 -9.39 -43.51 -24.12
CA SER E 178 -9.63 -42.60 -25.22
C SER E 178 -10.60 -43.25 -26.20
N THR E 179 -11.52 -42.44 -26.74
CA THR E 179 -12.49 -42.92 -27.70
C THR E 179 -12.47 -41.99 -28.90
N LEU E 180 -12.43 -42.60 -30.09
CA LEU E 180 -12.44 -41.87 -31.35
C LEU E 180 -13.71 -42.26 -32.10
N THR E 181 -14.55 -41.27 -32.37
CA THR E 181 -15.82 -41.47 -33.04
C THR E 181 -15.67 -41.23 -34.53
N LEU E 182 -16.34 -42.08 -35.32
CA LEU E 182 -16.30 -41.97 -36.78
C LEU E 182 -17.57 -42.55 -37.35
N SER E 183 -18.22 -41.80 -38.24
CA SER E 183 -19.35 -42.33 -38.96
C SER E 183 -18.94 -43.56 -39.75
N LYS E 184 -19.89 -44.47 -39.96
CA LYS E 184 -19.56 -45.75 -40.57
C LYS E 184 -19.00 -45.56 -41.98
N ALA E 185 -19.42 -44.51 -42.68
CA ALA E 185 -18.85 -44.23 -43.99
C ALA E 185 -17.36 -43.93 -43.89
N ASP E 186 -17.00 -42.95 -43.05
CA ASP E 186 -15.60 -42.62 -42.86
C ASP E 186 -14.83 -43.77 -42.23
N TYR E 187 -15.51 -44.65 -41.50
CA TYR E 187 -14.84 -45.79 -40.89
C TYR E 187 -14.57 -46.90 -41.90
N GLU E 188 -15.41 -47.00 -42.92
CA GLU E 188 -15.23 -48.02 -43.95
C GLU E 188 -14.31 -47.57 -45.07
N LYS E 189 -14.30 -46.27 -45.38
CA LYS E 189 -13.48 -45.82 -46.52
C LYS E 189 -12.00 -45.92 -46.23
N HIS E 190 -11.58 -45.86 -44.98
CA HIS E 190 -10.18 -45.98 -44.63
C HIS E 190 -9.83 -47.44 -44.35
N LYS E 191 -8.56 -47.69 -44.02
CA LYS E 191 -8.04 -49.04 -43.86
C LYS E 191 -7.56 -49.35 -42.44
N VAL E 192 -6.65 -48.54 -41.90
CA VAL E 192 -5.97 -48.86 -40.66
C VAL E 192 -6.26 -47.80 -39.61
N TYR E 193 -5.99 -48.16 -38.35
CA TYR E 193 -6.17 -47.26 -37.22
C TYR E 193 -5.13 -47.60 -36.17
N ALA E 194 -4.46 -46.57 -35.65
CA ALA E 194 -3.38 -46.75 -34.70
C ALA E 194 -3.53 -45.81 -33.52
N CYS E 195 -3.18 -46.30 -32.34
CA CYS E 195 -3.16 -45.54 -31.11
C CYS E 195 -1.71 -45.40 -30.66
N GLU E 196 -1.22 -44.17 -30.63
CA GLU E 196 0.16 -43.87 -30.25
C GLU E 196 0.16 -43.23 -28.87
N VAL E 197 0.84 -43.86 -27.92
CA VAL E 197 0.84 -43.43 -26.53
C VAL E 197 2.23 -42.94 -26.17
N THR E 198 2.28 -41.82 -25.45
CA THR E 198 3.51 -41.24 -24.92
C THR E 198 3.34 -41.06 -23.41
N HIS E 199 4.33 -41.52 -22.66
CA HIS E 199 4.28 -41.47 -21.21
C HIS E 199 5.70 -41.44 -20.66
N GLN E 200 5.86 -40.77 -19.52
CA GLN E 200 7.19 -40.64 -18.91
C GLN E 200 7.85 -42.00 -18.74
N GLY E 201 7.12 -42.96 -18.16
CA GLY E 201 7.67 -44.28 -17.92
C GLY E 201 7.93 -45.10 -19.16
N LEU E 202 7.59 -44.59 -20.35
CA LEU E 202 7.78 -45.33 -21.58
C LEU E 202 9.13 -44.99 -22.19
N SER E 203 9.90 -46.02 -22.54
CA SER E 203 11.17 -45.81 -23.21
C SER E 203 11.01 -45.20 -24.59
N SER E 204 9.81 -45.26 -25.16
CA SER E 204 9.52 -44.71 -26.46
C SER E 204 8.02 -44.83 -26.72
N PRO E 205 7.48 -44.01 -27.61
CA PRO E 205 6.03 -44.08 -27.88
C PRO E 205 5.62 -45.48 -28.31
N VAL E 206 4.45 -45.91 -27.83
CA VAL E 206 3.93 -47.25 -28.09
C VAL E 206 2.76 -47.11 -29.06
N THR E 207 2.87 -47.75 -30.22
CA THR E 207 1.87 -47.64 -31.27
C THR E 207 1.20 -49.00 -31.46
N LYS E 208 -0.08 -49.06 -31.10
CA LYS E 208 -0.88 -50.27 -31.27
C LYS E 208 -1.83 -50.06 -32.45
N SER E 209 -1.73 -50.95 -33.44
CA SER E 209 -2.43 -50.77 -34.70
C SER E 209 -3.43 -51.90 -34.94
N PHE E 210 -4.39 -51.62 -35.81
CA PHE E 210 -5.34 -52.63 -36.24
C PHE E 210 -6.04 -52.14 -37.50
N ASN E 211 -6.33 -53.07 -38.42
CA ASN E 211 -6.98 -52.75 -39.67
C ASN E 211 -8.47 -53.11 -39.61
N ARG E 212 -9.24 -52.55 -40.54
CA ARG E 212 -10.65 -52.85 -40.63
C ARG E 212 -10.87 -54.25 -41.18
N GLY E 213 -11.89 -54.92 -40.68
CA GLY E 213 -12.13 -56.30 -41.07
C GLY E 213 -10.99 -57.23 -40.72
N GLU E 214 -10.08 -56.79 -39.86
CA GLU E 214 -8.93 -57.61 -39.48
C GLU E 214 -9.39 -58.84 -38.70
N CYS E 215 -8.58 -59.88 -38.78
CA CYS E 215 -8.90 -61.15 -38.10
C CYS E 215 -7.70 -62.08 -38.10
#